data_3VSA
#
_entry.id   3VSA
#
_cell.length_a   74.506
_cell.length_b   74.506
_cell.length_c   275.988
_cell.angle_alpha   90.000
_cell.angle_beta   90.000
_cell.angle_gamma   90.000
#
_symmetry.space_group_name_H-M   'P 43 21 2'
#
loop_
_entity.id
_entity.type
_entity.pdbx_description
1 polymer 'Protein CysO'
2 non-polymer "PYRIDOXAL-5'-PHOSPHATE"
3 non-polymer (4S)-2-METHYL-2,4-PENTANEDIOL
4 water water
#
_entity_poly.entity_id   1
_entity_poly.type   'polypeptide(L)'
_entity_poly.pdbx_seq_one_letter_code
;MALADISGYLDVLDSVRGFSYLENAREVLRSGEARCLGNPRSEPEYVKALYVIGASRIPVGDGCSHTLEELGVFDISVPG
EMVFPSPLDFFERGKPTPLVRSRLQLPNGVRVWLKLEWYNPFSLSVKDRPAVEIISRLSRRVEKGSLVADATSSNFGVAL
SAVARLYGYRARVYLPGAAEEFGKLLPRLLGAQVIVDPEAPSTVHLLPRVMKDSKNEGFVHVNQFYNDANFEAHMRGTAR
EIFVQSRRGGLALRGVAGSLGTSGHMSAAAFYLQSVDPSIRAVLVQPAQGDSIPGIRRVETGMLWINMLDISYTLAEVTL
EEAMEAVVEVARSDGLVIGPSGGAAVKALAKKAAEGDLEPGDYVVVVPDTGFKYLSLVQNALEGAGDSV
;
_entity_poly.pdbx_strand_id   A,B
#
loop_
_chem_comp.id
_chem_comp.type
_chem_comp.name
_chem_comp.formula
MPD non-polymer (4S)-2-METHYL-2,4-PENTANEDIOL 'C6 H14 O2'
PLP non-polymer PYRIDOXAL-5'-PHOSPHATE 'C8 H10 N O6 P'
#
# COMPACT_ATOMS: atom_id res chain seq x y z
N ALA A 2 8.18 33.33 -17.37
CA ALA A 2 9.15 32.95 -16.27
C ALA A 2 8.38 32.09 -15.24
N LEU A 3 9.06 31.22 -14.55
CA LEU A 3 8.35 30.34 -13.61
C LEU A 3 8.65 30.76 -12.14
N ALA A 4 7.62 30.70 -11.31
CA ALA A 4 7.77 30.98 -9.88
C ALA A 4 7.13 29.81 -9.13
N ASP A 5 7.59 29.58 -7.93
CA ASP A 5 7.11 28.45 -7.13
C ASP A 5 5.71 28.81 -6.64
N ILE A 6 4.74 27.95 -6.88
CA ILE A 6 3.37 28.33 -6.49
C ILE A 6 3.14 28.40 -4.96
N SER A 7 3.98 27.75 -4.18
CA SER A 7 3.62 27.52 -2.75
C SER A 7 3.62 28.86 -2.01
N GLY A 8 4.34 29.85 -2.56
CA GLY A 8 4.25 31.23 -2.07
C GLY A 8 2.93 31.92 -2.29
N TYR A 9 2.03 31.38 -3.12
CA TYR A 9 0.77 32.07 -3.45
C TYR A 9 -0.50 31.36 -3.01
N LEU A 10 -0.36 30.40 -2.10
CA LEU A 10 -1.44 29.49 -1.72
C LEU A 10 -2.50 30.10 -0.81
N ASP A 11 -2.33 31.37 -0.44
CA ASP A 11 -3.41 32.11 0.23
C ASP A 11 -4.62 32.29 -0.70
N VAL A 12 -4.43 32.16 -2.00
CA VAL A 12 -5.62 32.16 -2.87
C VAL A 12 -6.57 31.04 -2.49
N LEU A 13 -6.04 29.96 -1.91
CA LEU A 13 -6.90 28.89 -1.38
C LEU A 13 -7.84 29.35 -0.23
N ASP A 14 -7.47 30.33 0.57
CA ASP A 14 -8.47 30.96 1.46
C ASP A 14 -9.48 31.79 0.65
N SER A 15 -8.98 32.76 -0.10
CA SER A 15 -9.83 33.85 -0.55
C SER A 15 -10.69 33.55 -1.78
N VAL A 16 -10.22 32.73 -2.72
CA VAL A 16 -11.07 32.42 -3.86
C VAL A 16 -12.29 31.62 -3.40
N ARG A 17 -13.46 31.99 -3.89
CA ARG A 17 -14.66 31.27 -3.53
C ARG A 17 -15.33 30.86 -4.82
N GLY A 18 -16.20 29.86 -4.78
CA GLY A 18 -17.00 29.55 -5.99
C GLY A 18 -16.30 28.69 -7.06
N PHE A 19 -17.05 28.34 -8.09
CA PHE A 19 -16.55 27.45 -9.14
C PHE A 19 -16.12 28.14 -10.40
N SER A 20 -16.21 29.47 -10.45
CA SER A 20 -15.92 30.13 -11.71
C SER A 20 -14.42 30.01 -12.11
N TYR A 21 -13.51 29.90 -11.13
CA TYR A 21 -12.08 29.66 -11.43
C TYR A 21 -11.87 28.36 -12.24
N LEU A 22 -12.81 27.39 -12.14
CA LEU A 22 -12.66 26.14 -12.88
C LEU A 22 -12.64 26.33 -14.39
N GLU A 23 -13.14 27.47 -14.88
CA GLU A 23 -13.11 27.77 -16.32
C GLU A 23 -11.66 27.95 -16.79
N ASN A 24 -10.83 28.56 -15.94
CA ASN A 24 -9.42 28.70 -16.25
C ASN A 24 -8.75 27.35 -16.21
N ALA A 25 -9.14 26.51 -15.24
CA ALA A 25 -8.57 25.14 -15.11
C ALA A 25 -8.81 24.34 -16.40
N ARG A 26 -10.08 24.37 -16.85
CA ARG A 26 -10.53 23.68 -18.04
C ARG A 26 -9.78 24.13 -19.26
N GLU A 27 -9.67 25.44 -19.45
CA GLU A 27 -8.93 26.02 -20.61
C GLU A 27 -7.44 25.69 -20.56
N VAL A 28 -6.82 25.75 -19.39
CA VAL A 28 -5.38 25.42 -19.35
C VAL A 28 -5.16 23.95 -19.71
N LEU A 29 -6.02 23.10 -19.15
CA LEU A 29 -5.94 21.69 -19.43
C LEU A 29 -6.23 21.35 -20.93
N ARG A 30 -7.27 21.98 -21.48
N ARG A 30 -7.26 21.96 -21.51
CA ARG A 30 -7.66 21.92 -22.91
CA ARG A 30 -7.58 21.77 -22.93
C ARG A 30 -6.49 22.24 -23.86
C ARG A 30 -6.44 22.22 -23.88
N SER A 31 -5.81 23.35 -23.58
CA SER A 31 -4.78 23.87 -24.47
C SER A 31 -3.38 23.35 -24.13
N GLY A 32 -3.23 22.87 -22.91
CA GLY A 32 -1.95 22.38 -22.50
C GLY A 32 -0.97 23.49 -22.17
N GLU A 33 -1.47 24.69 -21.93
CA GLU A 33 -0.60 25.80 -21.61
C GLU A 33 -1.37 26.91 -20.84
N ALA A 34 -0.59 27.78 -20.21
CA ALA A 34 -1.11 28.86 -19.40
C ALA A 34 -0.37 30.13 -19.71
N ARG A 35 -1.10 31.24 -19.74
CA ARG A 35 -0.44 32.52 -20.06
C ARG A 35 0.25 33.07 -18.84
N CYS A 36 1.36 33.78 -19.05
CA CYS A 36 2.05 34.47 -17.95
C CYS A 36 1.15 35.54 -17.33
N LEU A 37 1.17 35.59 -15.99
CA LEU A 37 0.53 36.65 -15.24
C LEU A 37 1.54 37.76 -14.99
N GLY A 38 1.17 38.98 -15.35
CA GLY A 38 2.01 40.16 -15.07
C GLY A 38 2.14 40.35 -13.57
N ASN A 39 1.02 40.12 -12.90
CA ASN A 39 0.84 40.40 -11.50
C ASN A 39 -0.01 39.23 -10.98
N PRO A 40 0.63 38.11 -10.61
CA PRO A 40 -0.05 36.88 -10.21
C PRO A 40 -1.01 37.13 -9.07
N ARG A 41 -0.60 38.00 -8.13
N ARG A 41 -0.61 38.01 -8.15
CA ARG A 41 -1.42 38.38 -6.98
CA ARG A 41 -1.42 38.35 -6.98
C ARG A 41 -2.75 39.01 -7.41
C ARG A 41 -2.75 39.02 -7.40
N SER A 42 -2.78 39.63 -8.58
CA SER A 42 -4.00 40.26 -9.02
C SER A 42 -4.91 39.28 -9.74
N GLU A 43 -4.50 38.03 -9.93
CA GLU A 43 -5.37 37.12 -10.66
C GLU A 43 -5.62 35.85 -9.85
N PRO A 44 -6.20 35.99 -8.66
CA PRO A 44 -6.14 34.81 -7.80
C PRO A 44 -6.96 33.61 -8.32
N GLU A 45 -7.99 33.85 -9.14
CA GLU A 45 -8.76 32.70 -9.69
C GLU A 45 -7.88 31.86 -10.64
N TYR A 46 -7.10 32.51 -11.49
CA TYR A 46 -6.14 31.80 -12.34
C TYR A 46 -5.09 31.02 -11.54
N VAL A 47 -4.51 31.66 -10.53
CA VAL A 47 -3.58 30.94 -9.66
C VAL A 47 -4.22 29.69 -9.01
N LYS A 48 -5.38 29.86 -8.37
CA LYS A 48 -6.08 28.72 -7.79
C LYS A 48 -6.33 27.63 -8.89
N ALA A 49 -6.69 28.04 -10.11
CA ALA A 49 -6.93 27.05 -11.15
C ALA A 49 -5.69 26.25 -11.42
N LEU A 50 -4.50 26.87 -11.43
CA LEU A 50 -3.29 26.12 -11.63
C LEU A 50 -2.97 25.10 -10.48
N TYR A 51 -3.10 25.55 -9.23
CA TYR A 51 -2.92 24.67 -8.09
C TYR A 51 -3.83 23.44 -8.22
N VAL A 52 -5.09 23.68 -8.44
CA VAL A 52 -6.08 22.59 -8.50
C VAL A 52 -5.80 21.56 -9.60
N ILE A 53 -5.15 21.94 -10.70
CA ILE A 53 -4.83 20.94 -11.72
C ILE A 53 -3.48 20.23 -11.50
N GLY A 54 -2.72 20.71 -10.52
CA GLY A 54 -1.56 20.04 -9.97
C GLY A 54 -0.30 20.77 -10.36
N ALA A 55 -0.39 22.05 -10.70
CA ALA A 55 0.82 22.81 -11.07
C ALA A 55 1.58 23.04 -9.75
N SER A 56 2.90 23.03 -9.81
CA SER A 56 3.71 23.47 -8.67
C SER A 56 4.43 24.80 -8.89
N ARG A 57 4.23 25.37 -10.08
CA ARG A 57 4.93 26.61 -10.47
C ARG A 57 3.89 27.44 -11.24
N ILE A 58 4.01 28.74 -11.15
CA ILE A 58 3.06 29.60 -11.85
C ILE A 58 3.81 30.40 -12.90
N PRO A 59 3.11 30.76 -13.99
CA PRO A 59 3.77 31.48 -15.08
C PRO A 59 3.67 32.97 -14.77
N VAL A 60 4.80 33.62 -14.80
CA VAL A 60 4.88 34.97 -14.33
C VAL A 60 5.59 35.82 -15.43
N GLY A 61 5.14 37.08 -15.57
CA GLY A 61 5.73 38.01 -16.53
C GLY A 61 4.69 38.46 -17.55
N ASP A 62 5.16 38.76 -18.77
CA ASP A 62 4.41 39.56 -19.72
C ASP A 62 4.26 39.10 -21.17
N GLY A 63 3.16 38.45 -21.52
CA GLY A 63 3.00 37.99 -22.89
C GLY A 63 3.57 36.59 -23.14
N CYS A 64 4.43 36.06 -22.25
CA CYS A 64 4.85 34.63 -22.29
C CYS A 64 3.71 33.63 -21.93
N SER A 65 3.98 32.34 -22.19
CA SER A 65 3.17 31.22 -21.72
C SER A 65 3.99 29.98 -21.41
N HIS A 66 3.44 29.09 -20.59
CA HIS A 66 4.20 27.94 -20.18
C HIS A 66 3.34 26.73 -20.32
N THR A 67 3.97 25.58 -20.58
CA THR A 67 3.18 24.39 -20.80
C THR A 67 2.85 23.72 -19.44
N LEU A 68 1.96 22.74 -19.45
CA LEU A 68 1.70 21.89 -18.26
C LEU A 68 3.00 21.33 -17.70
N GLU A 69 3.87 20.88 -18.61
CA GLU A 69 5.08 20.27 -18.17
C GLU A 69 5.95 21.32 -17.42
N GLU A 70 6.14 22.48 -18.05
CA GLU A 70 6.86 23.59 -17.41
C GLU A 70 6.33 24.00 -16.03
N LEU A 71 5.02 23.92 -15.90
CA LEU A 71 4.29 24.30 -14.69
C LEU A 71 4.26 23.22 -13.60
N GLY A 72 4.85 22.07 -13.92
CA GLY A 72 4.95 21.02 -12.95
C GLY A 72 3.79 20.07 -12.85
N VAL A 73 2.83 20.11 -13.78
CA VAL A 73 1.76 19.09 -13.78
C VAL A 73 2.34 17.67 -13.90
N PHE A 74 3.42 17.51 -14.63
CA PHE A 74 3.95 16.19 -14.83
C PHE A 74 5.18 15.94 -13.99
N ASP A 75 5.50 16.76 -12.98
CA ASP A 75 6.74 16.45 -12.22
C ASP A 75 6.61 15.09 -11.51
N ILE A 76 7.72 14.38 -11.37
CA ILE A 76 7.77 13.17 -10.60
C ILE A 76 8.04 13.59 -9.16
N SER A 77 7.16 13.18 -8.25
CA SER A 77 7.33 13.54 -6.84
C SER A 77 7.99 12.42 -6.00
N VAL A 78 7.76 11.16 -6.42
CA VAL A 78 8.19 9.99 -5.66
C VAL A 78 9.72 9.75 -5.69
N PRO A 79 10.38 9.70 -4.50
CA PRO A 79 11.79 9.24 -4.48
C PRO A 79 11.83 7.79 -4.94
N GLY A 80 12.71 7.50 -5.90
CA GLY A 80 12.81 6.19 -6.47
C GLY A 80 13.00 5.10 -5.42
N GLU A 81 13.79 5.39 -4.41
CA GLU A 81 14.04 4.42 -3.43
C GLU A 81 12.95 4.31 -2.35
N MET A 82 11.83 5.03 -2.44
CA MET A 82 10.71 4.97 -1.43
C MET A 82 11.13 5.19 0.04
N VAL A 83 12.01 6.15 0.23
CA VAL A 83 12.36 6.57 1.61
C VAL A 83 11.76 7.97 1.92
N PHE A 84 11.07 8.12 3.05
CA PHE A 84 10.35 9.36 3.37
C PHE A 84 10.69 9.84 4.78
N PRO A 85 10.99 11.15 4.97
CA PRO A 85 11.37 11.66 6.32
C PRO A 85 10.17 11.75 7.29
N SER A 86 8.95 11.55 6.80
CA SER A 86 7.82 11.55 7.73
C SER A 86 6.55 11.04 7.08
N PRO A 87 5.55 10.71 7.92
CA PRO A 87 4.31 10.12 7.41
C PRO A 87 3.56 11.05 6.42
N LEU A 88 3.45 12.34 6.76
CA LEU A 88 2.77 13.31 5.93
C LEU A 88 3.59 13.54 4.64
N ASP A 89 4.90 13.53 4.75
CA ASP A 89 5.69 13.65 3.52
C ASP A 89 5.51 12.41 2.58
N PHE A 90 5.42 11.25 3.20
CA PHE A 90 5.07 10.03 2.55
C PHE A 90 3.69 10.10 1.86
N PHE A 91 2.68 10.61 2.57
CA PHE A 91 1.39 10.82 1.94
C PHE A 91 1.51 11.67 0.63
N GLU A 92 2.25 12.77 0.78
CA GLU A 92 2.32 13.79 -0.23
C GLU A 92 3.18 13.39 -1.43
N ARG A 93 4.41 12.96 -1.15
CA ARG A 93 5.32 12.59 -2.22
C ARG A 93 5.17 11.11 -2.72
N GLY A 94 4.61 10.25 -1.88
CA GLY A 94 4.49 8.86 -2.28
C GLY A 94 3.28 8.74 -3.18
N LYS A 95 3.42 9.25 -4.42
CA LYS A 95 2.26 9.35 -5.35
C LYS A 95 2.84 9.26 -6.75
N PRO A 96 2.04 8.82 -7.77
CA PRO A 96 0.64 8.39 -7.74
C PRO A 96 0.39 7.12 -6.95
N THR A 97 -0.85 6.86 -6.59
CA THR A 97 -1.21 5.55 -6.20
C THR A 97 -1.12 4.65 -7.51
N PRO A 98 -0.92 3.36 -7.33
CA PRO A 98 -0.68 2.44 -8.42
C PRO A 98 -1.84 2.37 -9.39
N LEU A 99 -1.49 2.20 -10.66
CA LEU A 99 -2.52 1.97 -11.69
C LEU A 99 -2.11 0.63 -12.32
N VAL A 100 -2.91 -0.40 -12.05
CA VAL A 100 -2.53 -1.78 -12.37
C VAL A 100 -3.48 -2.39 -13.40
N ARG A 101 -2.96 -2.86 -14.53
N ARG A 101 -2.96 -2.88 -14.53
CA ARG A 101 -3.89 -3.50 -15.48
CA ARG A 101 -3.82 -3.58 -15.52
C ARG A 101 -4.42 -4.87 -14.99
C ARG A 101 -4.41 -4.90 -14.97
N SER A 102 -5.73 -5.02 -14.91
CA SER A 102 -6.35 -6.27 -14.48
C SER A 102 -6.19 -7.32 -15.61
N ARG A 103 -6.21 -8.59 -15.22
CA ARG A 103 -6.30 -9.67 -16.20
C ARG A 103 -7.73 -9.99 -16.62
N LEU A 104 -8.73 -9.42 -15.96
CA LEU A 104 -10.10 -9.53 -16.43
C LEU A 104 -10.27 -8.88 -17.79
N GLN A 105 -10.93 -9.60 -18.70
N GLN A 105 -10.98 -9.57 -18.68
CA GLN A 105 -11.37 -9.04 -20.00
CA GLN A 105 -11.34 -9.04 -19.99
C GLN A 105 -12.83 -8.69 -19.86
C GLN A 105 -12.82 -8.73 -19.96
N LEU A 106 -13.18 -7.54 -20.41
CA LEU A 106 -14.57 -7.18 -20.54
C LEU A 106 -14.94 -7.30 -22.03
N PRO A 107 -16.24 -7.49 -22.34
CA PRO A 107 -16.67 -7.56 -23.76
C PRO A 107 -16.23 -6.31 -24.50
N ASN A 108 -16.14 -6.40 -25.82
CA ASN A 108 -16.09 -5.21 -26.67
C ASN A 108 -14.82 -4.38 -26.56
N GLY A 109 -13.72 -5.06 -26.27
CA GLY A 109 -12.40 -4.44 -26.26
C GLY A 109 -12.15 -3.44 -25.11
N VAL A 110 -13.01 -3.45 -24.10
CA VAL A 110 -12.81 -2.63 -22.90
C VAL A 110 -11.68 -3.23 -22.02
N ARG A 111 -10.52 -2.58 -21.99
CA ARG A 111 -9.44 -3.03 -21.10
C ARG A 111 -9.43 -2.28 -19.74
N VAL A 112 -9.33 -3.04 -18.64
CA VAL A 112 -9.56 -2.52 -17.32
C VAL A 112 -8.26 -2.26 -16.57
N TRP A 113 -8.09 -1.03 -16.10
CA TRP A 113 -6.98 -0.74 -15.17
C TRP A 113 -7.58 -0.31 -13.82
N LEU A 114 -7.01 -0.77 -12.72
CA LEU A 114 -7.52 -0.48 -11.39
C LEU A 114 -6.57 0.51 -10.73
N LYS A 115 -7.09 1.66 -10.28
CA LYS A 115 -6.29 2.57 -9.51
C LYS A 115 -6.55 2.26 -8.02
N LEU A 116 -5.50 1.89 -7.31
CA LEU A 116 -5.67 1.31 -5.98
C LEU A 116 -5.46 2.36 -4.85
N GLU A 117 -6.55 2.99 -4.49
CA GLU A 117 -6.57 4.03 -3.47
C GLU A 117 -6.33 3.53 -2.04
N TRP A 118 -6.25 2.20 -1.80
CA TRP A 118 -5.83 1.79 -0.41
C TRP A 118 -4.33 2.00 -0.20
N TYR A 119 -3.60 2.35 -1.25
CA TYR A 119 -2.16 2.71 -1.12
C TYR A 119 -1.98 4.10 -0.49
N ASN A 120 -2.88 4.50 0.40
CA ASN A 120 -2.74 5.74 1.13
C ASN A 120 -2.49 5.38 2.57
N PRO A 121 -1.51 6.01 3.20
CA PRO A 121 -0.93 5.47 4.44
C PRO A 121 -1.80 5.45 5.74
N PHE A 122 -2.83 6.32 5.86
CA PHE A 122 -3.58 6.56 7.10
C PHE A 122 -4.86 5.72 7.20
N SER A 123 -5.77 5.83 6.24
CA SER A 123 -7.01 5.12 6.31
C SER A 123 -7.03 3.93 5.32
N LEU A 124 -5.95 3.74 4.56
CA LEU A 124 -5.87 2.67 3.53
C LEU A 124 -7.06 2.80 2.60
N SER A 125 -7.24 4.02 2.13
CA SER A 125 -8.35 4.44 1.34
C SER A 125 -8.10 5.78 0.72
N VAL A 126 -8.94 6.07 -0.27
CA VAL A 126 -9.01 7.33 -0.99
C VAL A 126 -9.28 8.56 -0.08
N LYS A 127 -9.95 8.39 1.08
CA LYS A 127 -10.20 9.46 1.99
C LYS A 127 -8.98 10.16 2.62
N ASP A 128 -7.80 9.59 2.53
CA ASP A 128 -6.61 10.33 3.02
C ASP A 128 -6.48 11.67 2.34
N ARG A 129 -6.73 11.70 1.04
CA ARG A 129 -6.54 12.86 0.26
C ARG A 129 -7.44 14.06 0.66
N PRO A 130 -8.77 13.87 0.72
CA PRO A 130 -9.53 15.02 1.21
C PRO A 130 -9.20 15.36 2.64
N ALA A 131 -8.86 14.38 3.47
CA ALA A 131 -8.58 14.71 4.93
C ALA A 131 -7.34 15.58 5.03
N VAL A 132 -6.30 15.21 4.29
CA VAL A 132 -5.10 16.05 4.33
C VAL A 132 -5.42 17.47 3.79
N GLU A 133 -6.17 17.58 2.68
CA GLU A 133 -6.41 18.91 2.05
C GLU A 133 -7.26 19.77 3.03
N ILE A 134 -8.29 19.15 3.62
CA ILE A 134 -9.21 19.85 4.49
C ILE A 134 -8.51 20.35 5.82
N ILE A 135 -7.71 19.52 6.42
CA ILE A 135 -7.05 19.89 7.68
C ILE A 135 -5.97 20.89 7.37
N SER A 136 -5.26 20.70 6.26
CA SER A 136 -4.21 21.63 5.90
C SER A 136 -4.77 23.04 5.66
N ARG A 137 -5.94 23.11 5.03
CA ARG A 137 -6.61 24.37 4.79
C ARG A 137 -6.98 25.06 6.16
N LEU A 138 -7.25 24.26 7.19
CA LEU A 138 -7.71 24.82 8.46
C LEU A 138 -6.57 25.41 9.23
N SER A 139 -5.37 24.91 8.96
CA SER A 139 -4.25 24.98 9.86
C SER A 139 -3.67 26.39 10.00
N ARG A 140 -4.15 27.34 9.19
CA ARG A 140 -3.65 28.73 9.29
C ARG A 140 -4.66 29.69 9.85
N ARG A 141 -5.77 29.13 10.36
N ARG A 141 -5.76 29.15 10.36
CA ARG A 141 -7.00 29.86 10.67
CA ARG A 141 -6.81 29.97 10.93
C ARG A 141 -7.67 29.30 11.93
C ARG A 141 -7.22 29.38 12.26
N VAL A 142 -7.31 28.06 12.30
CA VAL A 142 -7.90 27.39 13.45
C VAL A 142 -6.80 27.03 14.40
N GLU A 143 -6.89 27.57 15.60
CA GLU A 143 -5.98 27.24 16.69
C GLU A 143 -5.77 25.73 16.96
N LYS A 144 -4.52 25.37 17.13
CA LYS A 144 -4.08 24.07 17.57
C LYS A 144 -4.83 23.65 18.84
N GLY A 145 -5.06 22.37 19.06
CA GLY A 145 -5.90 21.95 20.18
C GLY A 145 -7.39 22.00 19.94
N SER A 146 -7.85 22.79 18.97
CA SER A 146 -9.27 22.79 18.61
C SER A 146 -9.79 21.42 18.18
N LEU A 147 -11.09 21.17 18.37
CA LEU A 147 -11.75 20.00 17.92
C LEU A 147 -12.27 20.09 16.44
N VAL A 148 -12.06 19.06 15.65
CA VAL A 148 -12.64 19.05 14.31
C VAL A 148 -13.50 17.79 14.24
N ALA A 149 -14.52 17.72 13.40
CA ALA A 149 -15.47 16.64 13.43
C ALA A 149 -16.21 16.55 12.14
N ASP A 150 -16.70 15.34 11.87
CA ASP A 150 -17.61 15.16 10.73
C ASP A 150 -18.41 13.87 10.91
N ALA A 151 -19.47 13.73 10.11
CA ALA A 151 -20.11 12.45 9.82
C ALA A 151 -19.31 11.61 8.79
N THR A 152 -19.21 10.30 8.99
CA THR A 152 -18.45 9.49 8.06
C THR A 152 -19.08 8.12 7.99
N SER A 153 -18.87 7.43 6.85
CA SER A 153 -19.25 6.02 6.70
C SER A 153 -18.21 5.05 7.23
N SER A 154 -16.97 5.55 7.42
CA SER A 154 -15.90 4.84 8.14
C SER A 154 -14.55 5.41 7.77
N ASN A 155 -14.25 5.41 6.47
CA ASN A 155 -12.92 5.82 5.98
C ASN A 155 -12.47 7.23 6.32
N PHE A 156 -13.33 8.23 6.08
CA PHE A 156 -12.94 9.60 6.25
C PHE A 156 -12.72 9.89 7.75
N GLY A 157 -13.49 9.17 8.59
CA GLY A 157 -13.33 9.30 10.04
C GLY A 157 -11.94 8.86 10.49
N VAL A 158 -11.48 7.72 9.96
CA VAL A 158 -10.09 7.27 10.20
C VAL A 158 -9.04 8.26 9.68
N ALA A 159 -9.20 8.66 8.41
CA ALA A 159 -8.27 9.61 7.75
C ALA A 159 -8.24 10.92 8.55
N LEU A 160 -9.43 11.46 8.81
CA LEU A 160 -9.57 12.64 9.56
C LEU A 160 -8.86 12.52 10.95
N SER A 161 -9.11 11.40 11.69
CA SER A 161 -8.45 11.24 13.06
C SER A 161 -6.94 11.25 12.98
N ALA A 162 -6.39 10.52 12.02
CA ALA A 162 -4.93 10.46 11.87
C ALA A 162 -4.37 11.81 11.50
N VAL A 163 -4.95 12.43 10.49
CA VAL A 163 -4.44 13.71 10.01
C VAL A 163 -4.64 14.86 11.00
N ALA A 164 -5.81 14.88 11.66
CA ALA A 164 -6.06 15.96 12.64
C ALA A 164 -4.97 15.88 13.65
N ARG A 165 -4.72 14.69 14.13
CA ARG A 165 -3.69 14.54 15.15
C ARG A 165 -2.25 14.90 14.66
N LEU A 166 -1.83 14.44 13.49
CA LEU A 166 -0.56 14.95 12.94
C LEU A 166 -0.50 16.49 12.87
N TYR A 167 -1.63 17.18 12.69
CA TYR A 167 -1.60 18.63 12.64
C TYR A 167 -1.84 19.36 13.96
N GLY A 168 -1.93 18.62 15.07
CA GLY A 168 -2.20 19.24 16.35
C GLY A 168 -3.68 19.54 16.69
N TYR A 169 -4.64 18.90 16.02
CA TYR A 169 -6.05 19.03 16.42
C TYR A 169 -6.58 17.79 17.12
N ARG A 170 -7.71 17.94 17.78
CA ARG A 170 -8.46 16.79 18.30
C ARG A 170 -9.50 16.46 17.24
N ALA A 171 -10.03 15.23 17.23
CA ALA A 171 -11.07 14.88 16.23
C ALA A 171 -12.22 14.16 16.94
N ARG A 172 -13.41 14.27 16.37
CA ARG A 172 -14.55 13.54 16.81
C ARG A 172 -15.16 13.05 15.51
N VAL A 173 -15.59 11.80 15.49
CA VAL A 173 -16.24 11.30 14.28
C VAL A 173 -17.56 10.73 14.68
N TYR A 174 -18.55 10.88 13.79
CA TYR A 174 -19.87 10.35 14.04
C TYR A 174 -20.20 9.33 12.97
N LEU A 175 -20.76 8.19 13.40
CA LEU A 175 -21.04 7.11 12.48
C LEU A 175 -22.45 6.58 12.66
N PRO A 176 -23.07 6.17 11.56
CA PRO A 176 -24.30 5.36 11.71
C PRO A 176 -24.01 3.96 12.29
N GLY A 177 -25.00 3.32 12.92
CA GLY A 177 -24.90 1.94 13.38
C GLY A 177 -24.45 0.90 12.35
N ALA A 178 -24.89 1.01 11.10
CA ALA A 178 -24.45 0.02 10.10
C ALA A 178 -23.00 0.17 9.56
N ALA A 179 -22.20 1.10 10.10
CA ALA A 179 -20.82 1.30 9.56
C ALA A 179 -19.92 0.14 9.99
N GLU A 180 -18.89 -0.16 9.19
CA GLU A 180 -17.96 -1.20 9.54
C GLU A 180 -17.27 -0.93 10.88
N GLU A 181 -16.79 -2.00 11.49
CA GLU A 181 -16.20 -1.88 12.81
C GLU A 181 -14.86 -1.16 12.77
N PHE A 182 -14.14 -1.20 11.64
CA PHE A 182 -12.84 -0.54 11.65
C PHE A 182 -13.06 0.94 11.81
N GLY A 183 -14.21 1.37 11.31
CA GLY A 183 -14.61 2.78 11.38
C GLY A 183 -14.98 3.25 12.79
N LYS A 184 -15.46 2.32 13.61
CA LYS A 184 -15.92 2.69 14.95
C LYS A 184 -14.73 2.58 15.85
N LEU A 185 -13.79 1.68 15.55
CA LEU A 185 -12.68 1.41 16.43
C LEU A 185 -11.38 2.15 16.13
N LEU A 186 -11.01 2.23 14.84
CA LEU A 186 -9.67 2.79 14.52
C LEU A 186 -9.45 4.24 14.89
N PRO A 187 -10.50 5.08 14.80
CA PRO A 187 -10.35 6.44 15.26
C PRO A 187 -10.00 6.59 16.73
N ARG A 188 -10.59 5.77 17.61
CA ARG A 188 -10.08 5.74 18.99
C ARG A 188 -8.62 5.32 19.08
N LEU A 189 -8.21 4.33 18.30
CA LEU A 189 -6.81 3.95 18.37
C LEU A 189 -5.94 5.21 18.11
N LEU A 190 -6.40 6.00 17.14
CA LEU A 190 -5.75 7.23 16.71
C LEU A 190 -6.08 8.46 17.61
N GLY A 191 -6.82 8.28 18.71
CA GLY A 191 -6.94 9.36 19.72
C GLY A 191 -8.19 10.24 19.59
N ALA A 192 -9.09 9.85 18.68
CA ALA A 192 -10.28 10.63 18.41
C ALA A 192 -11.43 10.14 19.29
N GLN A 193 -12.42 11.00 19.57
CA GLN A 193 -13.62 10.52 20.20
C GLN A 193 -14.54 9.96 19.10
N VAL A 194 -15.35 8.96 19.40
CA VAL A 194 -16.24 8.35 18.39
C VAL A 194 -17.68 8.36 18.91
N ILE A 195 -18.65 8.75 18.10
CA ILE A 195 -20.05 8.71 18.49
C ILE A 195 -20.73 7.87 17.43
N VAL A 196 -21.44 6.84 17.88
CA VAL A 196 -22.15 5.96 16.97
C VAL A 196 -23.64 6.15 17.24
N ASP A 197 -24.40 6.35 16.18
CA ASP A 197 -25.83 6.45 16.30
C ASP A 197 -26.54 5.19 15.75
N PRO A 198 -26.88 4.25 16.63
CA PRO A 198 -27.57 3.05 16.13
C PRO A 198 -28.85 3.36 15.33
N GLU A 199 -29.42 4.55 15.48
CA GLU A 199 -30.67 4.87 14.78
C GLU A 199 -30.46 5.40 13.35
N ALA A 200 -29.37 6.13 13.13
CA ALA A 200 -29.12 6.73 11.80
C ALA A 200 -29.10 5.69 10.65
N PRO A 201 -30.02 5.81 9.66
CA PRO A 201 -30.00 4.83 8.56
C PRO A 201 -28.92 5.10 7.50
N SER A 202 -28.20 6.22 7.65
CA SER A 202 -27.19 6.61 6.68
C SER A 202 -26.28 7.64 7.31
N THR A 203 -25.15 7.86 6.64
CA THR A 203 -24.21 8.90 7.02
C THR A 203 -24.78 10.33 6.93
N VAL A 204 -25.46 10.67 5.84
CA VAL A 204 -25.95 12.05 5.70
C VAL A 204 -27.10 12.29 6.70
N HIS A 205 -27.83 11.25 7.06
CA HIS A 205 -28.80 11.35 8.14
C HIS A 205 -28.20 11.97 9.37
N LEU A 206 -26.89 11.75 9.60
CA LEU A 206 -26.28 12.29 10.81
C LEU A 206 -25.90 13.77 10.73
N LEU A 207 -25.92 14.39 9.55
CA LEU A 207 -25.40 15.75 9.43
C LEU A 207 -26.11 16.85 10.29
N PRO A 208 -27.48 16.84 10.33
CA PRO A 208 -28.22 17.77 11.24
C PRO A 208 -27.72 17.67 12.71
N ARG A 209 -27.49 16.45 13.20
CA ARG A 209 -26.95 16.29 14.53
C ARG A 209 -25.53 16.87 14.70
N VAL A 210 -24.66 16.61 13.73
CA VAL A 210 -23.27 17.19 13.76
C VAL A 210 -23.32 18.72 13.72
N MET A 211 -24.17 19.27 12.88
CA MET A 211 -24.33 20.74 12.84
C MET A 211 -24.87 21.30 14.15
N LYS A 212 -25.89 20.65 14.71
CA LYS A 212 -26.42 21.16 15.95
C LYS A 212 -25.34 21.11 17.06
N ASP A 213 -24.65 19.98 17.25
CA ASP A 213 -23.58 19.89 18.26
C ASP A 213 -22.45 20.92 17.98
N SER A 214 -22.16 21.17 16.69
CA SER A 214 -21.17 22.22 16.32
C SER A 214 -21.55 23.61 16.89
N LYS A 215 -22.81 23.98 16.71
CA LYS A 215 -23.37 25.23 17.28
C LYS A 215 -23.26 25.22 18.80
N ASN A 216 -23.69 24.16 19.50
CA ASN A 216 -23.52 24.13 20.95
C ASN A 216 -22.09 24.09 21.45
N GLU A 217 -21.27 23.20 20.91
CA GLU A 217 -19.95 22.97 21.47
C GLU A 217 -18.86 23.79 20.83
N GLY A 218 -19.10 24.31 19.62
CA GLY A 218 -18.10 25.17 19.00
C GLY A 218 -16.97 24.39 18.39
N PHE A 219 -17.24 23.17 17.92
CA PHE A 219 -16.12 22.45 17.18
C PHE A 219 -16.21 22.82 15.70
N VAL A 220 -15.17 22.54 14.92
CA VAL A 220 -15.20 22.89 13.49
C VAL A 220 -15.80 21.70 12.76
N HIS A 221 -16.96 21.88 12.17
CA HIS A 221 -17.53 20.79 11.44
C HIS A 221 -16.94 20.85 10.02
N VAL A 222 -16.01 19.95 9.67
CA VAL A 222 -15.24 20.11 8.44
C VAL A 222 -16.09 19.74 7.18
N ASN A 223 -17.22 19.03 7.38
CA ASN A 223 -18.25 18.70 6.33
C ASN A 223 -17.69 18.29 4.94
N GLN A 224 -17.20 17.07 4.88
CA GLN A 224 -16.65 16.51 3.67
C GLN A 224 -17.69 16.48 2.52
N PHE A 225 -18.99 16.48 2.84
CA PHE A 225 -20.07 16.54 1.80
C PHE A 225 -20.19 17.91 1.07
N TYR A 226 -19.60 18.92 1.67
CA TYR A 226 -19.76 20.27 1.19
C TYR A 226 -18.44 21.04 1.06
N ASN A 227 -17.35 20.51 1.57
CA ASN A 227 -16.17 21.30 1.66
C ASN A 227 -15.44 21.21 0.32
N ASP A 228 -15.33 22.29 -0.42
CA ASP A 228 -14.62 22.21 -1.70
C ASP A 228 -13.21 21.65 -1.69
N ALA A 229 -12.48 21.73 -0.56
CA ALA A 229 -11.16 21.10 -0.42
C ALA A 229 -11.19 19.61 -0.69
N ASN A 230 -12.33 18.93 -0.50
CA ASN A 230 -12.49 17.53 -0.87
C ASN A 230 -12.33 17.39 -2.40
N PHE A 231 -13.21 18.05 -3.17
CA PHE A 231 -13.11 18.01 -4.64
C PHE A 231 -11.69 18.47 -5.13
N GLU A 232 -11.18 19.53 -4.55
CA GLU A 232 -9.89 20.02 -4.97
C GLU A 232 -8.75 19.06 -4.70
N ALA A 233 -8.79 18.36 -3.55
CA ALA A 233 -7.75 17.32 -3.31
C ALA A 233 -7.67 16.30 -4.46
N HIS A 234 -8.85 15.94 -4.95
CA HIS A 234 -8.98 14.89 -5.96
C HIS A 234 -8.60 15.46 -7.31
N MET A 235 -8.83 16.73 -7.55
CA MET A 235 -8.32 17.36 -8.81
C MET A 235 -6.81 17.31 -8.86
N ARG A 236 -6.12 17.79 -7.82
CA ARG A 236 -4.66 17.86 -7.90
C ARG A 236 -3.99 16.52 -7.62
N GLY A 237 -4.71 15.59 -6.95
CA GLY A 237 -4.25 14.25 -6.79
C GLY A 237 -4.77 13.16 -7.74
N THR A 238 -5.75 12.41 -7.25
CA THR A 238 -6.48 11.39 -8.03
C THR A 238 -6.58 11.58 -9.55
N ALA A 239 -7.17 12.71 -9.96
CA ALA A 239 -7.51 13.04 -11.31
C ALA A 239 -6.30 13.40 -12.14
N ARG A 240 -5.45 14.29 -11.63
N ARG A 240 -5.45 14.27 -11.62
CA ARG A 240 -4.16 14.59 -12.25
CA ARG A 240 -4.20 14.56 -12.31
C ARG A 240 -3.43 13.28 -12.50
C ARG A 240 -3.40 13.27 -12.50
N GLU A 241 -3.47 12.38 -11.51
CA GLU A 241 -2.77 11.12 -11.65
C GLU A 241 -3.31 10.24 -12.82
N ILE A 242 -4.62 10.08 -12.89
CA ILE A 242 -5.22 9.33 -14.03
C ILE A 242 -4.69 9.95 -15.32
N PHE A 243 -4.64 11.27 -15.39
CA PHE A 243 -4.24 11.95 -16.60
C PHE A 243 -2.79 11.65 -16.93
N VAL A 244 -1.89 12.00 -16.03
CA VAL A 244 -0.46 11.75 -16.22
C VAL A 244 -0.12 10.26 -16.34
N GLN A 245 -0.76 9.41 -15.51
CA GLN A 245 -0.52 7.97 -15.64
C GLN A 245 -0.99 7.47 -17.05
N SER A 246 -2.16 7.93 -17.52
CA SER A 246 -2.60 7.55 -18.87
C SER A 246 -1.55 7.94 -19.93
N ARG A 247 -1.05 9.16 -19.87
N ARG A 247 -1.03 9.14 -19.85
CA ARG A 247 -0.09 9.66 -20.86
CA ARG A 247 -0.10 9.56 -20.88
C ARG A 247 1.18 8.81 -20.84
C ARG A 247 1.17 8.74 -20.82
N ARG A 248 1.90 8.86 -19.72
CA ARG A 248 3.16 8.14 -19.55
C ARG A 248 3.07 6.63 -19.66
N GLY A 249 1.92 6.07 -19.31
CA GLY A 249 1.73 4.65 -19.52
C GLY A 249 1.44 4.28 -20.97
N GLY A 250 1.19 5.26 -21.85
CA GLY A 250 0.70 4.99 -23.21
C GLY A 250 -0.68 4.36 -23.32
N LEU A 251 -1.58 4.60 -22.38
CA LEU A 251 -2.93 4.05 -22.50
C LEU A 251 -3.68 4.82 -23.58
N ALA A 252 -4.75 4.22 -24.11
CA ALA A 252 -5.72 4.95 -24.97
C ALA A 252 -6.96 5.06 -24.10
N LEU A 253 -6.96 6.14 -23.33
CA LEU A 253 -7.91 6.35 -22.27
C LEU A 253 -9.20 6.80 -22.87
N ARG A 254 -10.20 5.96 -22.68
CA ARG A 254 -11.52 6.23 -23.17
C ARG A 254 -12.48 6.50 -22.06
N GLY A 255 -12.16 6.18 -20.81
CA GLY A 255 -13.09 6.56 -19.73
C GLY A 255 -12.61 6.20 -18.34
N VAL A 256 -13.36 6.65 -17.32
CA VAL A 256 -13.06 6.24 -15.97
C VAL A 256 -14.34 5.73 -15.39
N ALA A 257 -14.22 4.86 -14.41
CA ALA A 257 -15.40 4.35 -13.77
C ALA A 257 -15.23 4.46 -12.24
N GLY A 258 -16.29 4.67 -11.50
CA GLY A 258 -16.14 4.82 -10.07
C GLY A 258 -17.43 4.96 -9.34
N SER A 259 -17.34 5.07 -8.02
CA SER A 259 -18.47 5.14 -7.13
C SER A 259 -18.57 6.55 -6.48
N LEU A 260 -19.67 6.79 -5.76
CA LEU A 260 -20.08 8.13 -5.30
C LEU A 260 -20.54 8.08 -3.87
N GLY A 261 -19.85 8.83 -3.02
CA GLY A 261 -20.23 8.91 -1.60
C GLY A 261 -20.52 10.38 -1.48
N THR A 262 -19.51 11.20 -1.19
CA THR A 262 -19.61 12.66 -1.34
C THR A 262 -19.61 13.13 -2.82
N SER A 263 -19.14 12.28 -3.72
CA SER A 263 -18.94 12.52 -5.17
C SER A 263 -17.65 13.26 -5.44
N GLY A 264 -16.86 13.50 -4.40
CA GLY A 264 -15.57 14.23 -4.59
C GLY A 264 -14.59 13.64 -5.60
N HIS A 265 -14.25 12.35 -5.48
CA HIS A 265 -13.15 11.89 -6.37
C HIS A 265 -13.65 11.64 -7.82
N MET A 266 -14.87 11.09 -8.00
CA MET A 266 -15.34 10.90 -9.41
C MET A 266 -15.71 12.18 -10.18
N SER A 267 -16.19 13.23 -9.50
CA SER A 267 -16.35 14.60 -10.10
C SER A 267 -15.03 15.19 -10.56
N ALA A 268 -13.98 15.07 -9.73
CA ALA A 268 -12.68 15.55 -10.10
C ALA A 268 -12.16 14.74 -11.30
N ALA A 269 -12.25 13.40 -11.22
CA ALA A 269 -11.75 12.57 -12.30
C ALA A 269 -12.48 12.96 -13.58
N ALA A 270 -13.80 13.04 -13.52
CA ALA A 270 -14.57 13.36 -14.77
C ALA A 270 -14.32 14.77 -15.28
N PHE A 271 -14.33 15.73 -14.38
CA PHE A 271 -14.12 17.12 -14.76
C PHE A 271 -12.74 17.36 -15.36
N TYR A 272 -11.72 16.70 -14.79
CA TYR A 272 -10.35 17.00 -15.12
C TYR A 272 -10.13 16.33 -16.49
N LEU A 273 -10.46 15.05 -16.56
CA LEU A 273 -10.19 14.35 -17.83
C LEU A 273 -11.03 14.94 -18.99
N GLN A 274 -12.31 15.25 -18.73
CA GLN A 274 -13.16 15.82 -19.79
C GLN A 274 -12.70 17.21 -20.25
N SER A 275 -11.91 17.92 -19.39
CA SER A 275 -11.29 19.16 -19.81
C SER A 275 -10.28 18.83 -20.85
N VAL A 276 -9.56 17.73 -20.67
CA VAL A 276 -8.55 17.37 -21.66
C VAL A 276 -9.23 16.78 -22.89
N ASP A 277 -10.25 15.95 -22.70
CA ASP A 277 -10.89 15.34 -23.89
C ASP A 277 -12.31 15.04 -23.49
N PRO A 278 -13.23 15.90 -23.97
CA PRO A 278 -14.63 15.85 -23.59
C PRO A 278 -15.29 14.53 -23.95
N SER A 279 -14.70 13.75 -24.84
CA SER A 279 -15.33 12.44 -25.11
C SER A 279 -15.04 11.30 -24.10
N ILE A 280 -14.07 11.49 -23.18
CA ILE A 280 -13.79 10.51 -22.14
C ILE A 280 -15.03 10.28 -21.28
N ARG A 281 -15.49 9.03 -21.15
CA ARG A 281 -16.67 8.72 -20.35
C ARG A 281 -16.41 8.68 -18.84
N ALA A 282 -17.44 8.97 -18.07
CA ALA A 282 -17.47 8.61 -16.69
C ALA A 282 -18.64 7.67 -16.40
N VAL A 283 -18.33 6.42 -16.08
CA VAL A 283 -19.28 5.44 -15.71
C VAL A 283 -19.38 5.33 -14.19
N LEU A 284 -20.54 5.68 -13.63
CA LEU A 284 -20.69 5.78 -12.18
C LEU A 284 -21.72 4.84 -11.61
N VAL A 285 -21.40 4.27 -10.46
CA VAL A 285 -22.23 3.27 -9.77
C VAL A 285 -23.45 3.91 -9.11
N GLN A 286 -24.61 3.33 -9.35
CA GLN A 286 -25.84 3.64 -8.65
C GLN A 286 -26.15 2.40 -7.83
N PRO A 287 -25.85 2.41 -6.53
CA PRO A 287 -26.29 1.27 -5.73
C PRO A 287 -27.79 1.06 -6.01
N ALA A 288 -28.20 -0.20 -6.20
CA ALA A 288 -29.60 -0.51 -6.48
C ALA A 288 -30.44 -0.17 -5.23
N GLN A 289 -31.70 0.27 -5.42
CA GLN A 289 -32.61 0.66 -4.30
C GLN A 289 -32.76 -0.47 -3.31
N GLY A 290 -32.65 -0.16 -2.02
CA GLY A 290 -32.73 -1.18 -0.98
C GLY A 290 -31.36 -1.65 -0.54
N ASP A 291 -30.38 -1.59 -1.45
CA ASP A 291 -29.06 -2.19 -1.13
C ASP A 291 -28.14 -1.20 -0.43
N SER A 292 -27.28 -1.73 0.41
CA SER A 292 -26.25 -0.94 1.03
C SER A 292 -24.86 -1.36 0.61
N ILE A 293 -24.17 -0.54 -0.15
CA ILE A 293 -22.78 -0.86 -0.44
C ILE A 293 -21.97 0.15 0.39
N PRO A 294 -21.16 -0.34 1.35
CA PRO A 294 -20.48 0.58 2.26
C PRO A 294 -19.75 1.73 1.57
N GLY A 295 -19.94 2.95 2.09
CA GLY A 295 -19.20 4.11 1.62
C GLY A 295 -19.86 4.83 0.48
N ILE A 296 -20.84 4.21 -0.15
CA ILE A 296 -21.40 4.86 -1.34
C ILE A 296 -22.90 4.97 -1.28
N ARG A 297 -23.47 5.76 -2.17
CA ARG A 297 -24.94 5.93 -2.14
C ARG A 297 -25.43 6.42 -3.48
N ARG A 298 -26.77 6.56 -3.58
CA ARG A 298 -27.38 6.94 -4.85
C ARG A 298 -27.34 8.43 -5.11
N VAL A 299 -27.22 8.84 -6.36
CA VAL A 299 -27.08 10.27 -6.73
C VAL A 299 -28.19 11.23 -6.26
N GLU A 300 -29.43 10.80 -6.37
CA GLU A 300 -30.55 11.65 -5.94
C GLU A 300 -30.61 11.92 -4.42
N THR A 301 -29.80 11.26 -3.59
CA THR A 301 -29.74 11.59 -2.14
C THR A 301 -28.92 12.87 -1.85
N GLY A 302 -28.44 13.55 -2.88
CA GLY A 302 -27.82 14.90 -2.69
C GLY A 302 -26.30 14.83 -2.64
N MET A 303 -25.66 15.33 -3.71
CA MET A 303 -24.23 15.31 -3.85
C MET A 303 -23.83 16.60 -4.56
N LEU A 304 -22.83 17.28 -4.04
CA LEU A 304 -22.56 18.58 -4.53
C LEU A 304 -21.91 18.58 -5.93
N TRP A 305 -20.65 18.16 -6.04
CA TRP A 305 -19.89 18.45 -7.26
C TRP A 305 -20.47 17.76 -8.54
N ILE A 306 -20.92 16.49 -8.46
CA ILE A 306 -21.34 15.80 -9.69
C ILE A 306 -22.49 16.61 -10.26
N ASN A 307 -23.34 17.17 -9.39
CA ASN A 307 -24.50 17.97 -9.81
C ASN A 307 -24.20 19.38 -10.29
N MET A 308 -23.29 20.09 -9.62
CA MET A 308 -23.10 21.48 -9.96
C MET A 308 -22.11 21.73 -11.09
N LEU A 309 -21.27 20.77 -11.37
CA LEU A 309 -20.21 20.97 -12.33
C LEU A 309 -20.67 20.43 -13.68
N ASP A 310 -20.05 20.96 -14.69
CA ASP A 310 -20.33 20.64 -16.08
C ASP A 310 -19.64 19.31 -16.50
N ILE A 311 -20.26 18.21 -16.14
CA ILE A 311 -19.64 16.88 -16.17
C ILE A 311 -20.58 15.95 -16.92
N SER A 312 -20.07 15.16 -17.87
CA SER A 312 -20.92 14.13 -18.45
C SER A 312 -20.65 12.87 -17.70
N TYR A 313 -21.71 12.12 -17.48
CA TYR A 313 -21.54 10.81 -16.98
C TYR A 313 -22.74 9.93 -17.35
N THR A 314 -22.58 8.63 -17.15
CA THR A 314 -23.62 7.63 -17.32
C THR A 314 -23.68 6.83 -16.05
N LEU A 315 -24.89 6.60 -15.55
CA LEU A 315 -25.11 5.77 -14.38
C LEU A 315 -25.32 4.29 -14.70
N ALA A 316 -24.94 3.43 -13.77
CA ALA A 316 -25.26 1.98 -13.85
C ALA A 316 -25.68 1.51 -12.48
N GLU A 317 -26.81 0.80 -12.43
CA GLU A 317 -27.29 0.19 -11.18
C GLU A 317 -26.51 -1.07 -10.90
N VAL A 318 -26.20 -1.27 -9.64
CA VAL A 318 -25.40 -2.41 -9.24
C VAL A 318 -25.93 -2.79 -7.86
N THR A 319 -26.25 -4.07 -7.67
CA THR A 319 -26.77 -4.53 -6.40
C THR A 319 -25.57 -4.83 -5.50
N LEU A 320 -25.76 -4.94 -4.18
CA LEU A 320 -24.68 -5.39 -3.28
C LEU A 320 -24.13 -6.75 -3.75
N GLU A 321 -25.06 -7.66 -4.04
CA GLU A 321 -24.65 -8.97 -4.46
C GLU A 321 -23.76 -8.92 -5.73
N GLU A 322 -24.14 -8.11 -6.73
CA GLU A 322 -23.29 -7.91 -7.93
C GLU A 322 -21.91 -7.29 -7.57
N ALA A 323 -21.90 -6.28 -6.69
CA ALA A 323 -20.61 -5.71 -6.27
C ALA A 323 -19.70 -6.78 -5.68
N MET A 324 -20.25 -7.61 -4.81
CA MET A 324 -19.46 -8.67 -4.17
C MET A 324 -19.07 -9.76 -5.16
N GLU A 325 -19.90 -10.01 -6.18
CA GLU A 325 -19.47 -10.99 -7.22
C GLU A 325 -18.24 -10.48 -7.96
N ALA A 326 -18.22 -9.18 -8.20
CA ALA A 326 -17.07 -8.58 -8.86
C ALA A 326 -15.84 -8.60 -7.92
N VAL A 327 -16.05 -8.52 -6.60
CA VAL A 327 -14.90 -8.61 -5.68
C VAL A 327 -14.27 -10.00 -5.84
N VAL A 328 -15.12 -11.01 -5.78
CA VAL A 328 -14.71 -12.40 -5.95
C VAL A 328 -13.98 -12.57 -7.29
N GLU A 329 -14.51 -12.02 -8.39
CA GLU A 329 -13.85 -12.22 -9.70
C GLU A 329 -12.44 -11.53 -9.80
N VAL A 330 -12.34 -10.32 -9.29
CA VAL A 330 -11.05 -9.60 -9.33
C VAL A 330 -10.06 -10.33 -8.46
N ALA A 331 -10.54 -10.85 -7.34
CA ALA A 331 -9.65 -11.54 -6.44
C ALA A 331 -9.03 -12.76 -7.16
N ARG A 332 -9.88 -13.52 -7.83
CA ARG A 332 -9.45 -14.80 -8.42
C ARG A 332 -8.75 -14.59 -9.74
N SER A 333 -8.94 -13.43 -10.36
CA SER A 333 -8.20 -13.08 -11.56
C SER A 333 -6.84 -12.42 -11.25
N ASP A 334 -6.81 -11.54 -10.26
CA ASP A 334 -5.66 -10.65 -10.10
C ASP A 334 -4.92 -10.83 -8.81
N GLY A 335 -5.50 -11.56 -7.87
CA GLY A 335 -4.94 -11.72 -6.53
C GLY A 335 -5.03 -10.42 -5.73
N LEU A 336 -5.75 -9.43 -6.25
CA LEU A 336 -6.06 -8.17 -5.54
C LEU A 336 -7.39 -8.22 -4.82
N VAL A 337 -7.39 -7.90 -3.52
CA VAL A 337 -8.64 -8.00 -2.71
C VAL A 337 -9.25 -6.59 -2.65
N ILE A 338 -10.28 -6.31 -3.43
CA ILE A 338 -10.80 -4.93 -3.41
C ILE A 338 -12.04 -4.79 -2.51
N GLY A 339 -12.35 -3.55 -2.10
CA GLY A 339 -13.55 -3.26 -1.31
C GLY A 339 -14.86 -3.32 -2.13
N PRO A 340 -15.99 -3.44 -1.43
CA PRO A 340 -17.30 -3.52 -2.11
C PRO A 340 -17.54 -2.43 -3.15
N SER A 341 -17.18 -1.17 -2.81
CA SER A 341 -17.40 0.00 -3.69
C SER A 341 -16.55 -0.16 -4.95
N GLY A 342 -15.31 -0.63 -4.76
CA GLY A 342 -14.43 -1.00 -5.90
C GLY A 342 -15.06 -2.11 -6.78
N GLY A 343 -15.65 -3.13 -6.14
CA GLY A 343 -16.33 -4.23 -6.90
C GLY A 343 -17.50 -3.67 -7.67
N ALA A 344 -18.31 -2.82 -7.01
CA ALA A 344 -19.38 -2.12 -7.68
C ALA A 344 -18.91 -1.32 -8.91
N ALA A 345 -17.81 -0.61 -8.81
CA ALA A 345 -17.39 0.18 -9.97
C ALA A 345 -16.97 -0.74 -11.13
N VAL A 346 -16.22 -1.83 -10.85
CA VAL A 346 -15.82 -2.77 -11.91
C VAL A 346 -17.14 -3.31 -12.55
N LYS A 347 -18.12 -3.62 -11.72
CA LYS A 347 -19.37 -4.19 -12.23
C LYS A 347 -20.08 -3.17 -13.15
N ALA A 348 -20.13 -1.92 -12.70
CA ALA A 348 -20.74 -0.89 -13.47
C ALA A 348 -20.06 -0.80 -14.84
N LEU A 349 -18.72 -0.85 -14.85
CA LEU A 349 -18.03 -0.75 -16.14
C LEU A 349 -18.30 -1.99 -17.05
N ALA A 350 -18.39 -3.18 -16.43
CA ALA A 350 -18.62 -4.45 -17.14
C ALA A 350 -20.03 -4.45 -17.78
N LYS A 351 -21.02 -3.94 -17.06
CA LYS A 351 -22.36 -3.72 -17.58
C LYS A 351 -22.38 -2.79 -18.79
N LYS A 352 -21.83 -1.59 -18.65
CA LYS A 352 -21.70 -0.74 -19.81
C LYS A 352 -20.91 -1.37 -20.94
N ALA A 353 -19.97 -2.25 -20.63
CA ALA A 353 -19.21 -2.87 -21.70
C ALA A 353 -20.11 -3.85 -22.46
N ALA A 354 -20.87 -4.65 -21.69
CA ALA A 354 -21.75 -5.69 -22.19
C ALA A 354 -22.83 -5.11 -23.10
N GLU A 355 -23.39 -3.94 -22.75
CA GLU A 355 -24.43 -3.27 -23.56
C GLU A 355 -23.95 -2.66 -24.87
N GLY A 356 -22.65 -2.67 -25.17
CA GLY A 356 -22.14 -2.03 -26.39
C GLY A 356 -22.05 -0.50 -26.33
N ASP A 357 -22.31 0.06 -25.15
CA ASP A 357 -22.20 1.50 -24.93
C ASP A 357 -20.77 2.10 -25.06
N LEU A 358 -19.75 1.31 -24.81
CA LEU A 358 -18.40 1.89 -24.70
C LEU A 358 -17.44 1.56 -25.82
N GLU A 359 -16.74 2.58 -26.30
CA GLU A 359 -15.59 2.38 -27.17
C GLU A 359 -14.52 1.40 -26.63
N PRO A 360 -13.85 0.66 -27.53
CA PRO A 360 -12.71 -0.16 -27.14
C PRO A 360 -11.54 0.77 -26.78
N GLY A 361 -10.78 0.35 -25.78
CA GLY A 361 -9.67 1.16 -25.26
C GLY A 361 -9.46 0.87 -23.78
N ASP A 362 -8.64 1.72 -23.19
CA ASP A 362 -8.30 1.63 -21.77
C ASP A 362 -9.29 2.39 -20.86
N TYR A 363 -9.80 1.72 -19.85
CA TYR A 363 -10.65 2.37 -18.90
C TYR A 363 -10.04 2.26 -17.51
N VAL A 364 -10.09 3.36 -16.76
CA VAL A 364 -9.55 3.31 -15.39
C VAL A 364 -10.63 3.20 -14.36
N VAL A 365 -10.58 2.17 -13.52
CA VAL A 365 -11.54 2.08 -12.42
C VAL A 365 -10.84 2.55 -11.09
N VAL A 366 -11.43 3.51 -10.39
CA VAL A 366 -10.88 3.92 -9.09
C VAL A 366 -11.40 2.99 -7.98
N VAL A 367 -10.50 2.33 -7.27
CA VAL A 367 -10.85 1.37 -6.26
C VAL A 367 -10.63 2.13 -4.95
N PRO A 368 -11.71 2.44 -4.21
CA PRO A 368 -11.55 3.37 -3.05
C PRO A 368 -10.77 2.77 -1.92
N ASP A 369 -10.83 1.44 -1.80
N ASP A 369 -10.84 1.44 -1.78
CA ASP A 369 -10.47 0.76 -0.54
CA ASP A 369 -10.14 0.82 -0.64
C ASP A 369 -10.02 -0.70 -0.72
C ASP A 369 -9.95 -0.70 -0.74
N THR A 370 -9.38 -1.27 0.30
CA THR A 370 -9.06 -2.69 0.33
C THR A 370 -10.22 -3.53 0.92
N GLY A 371 -10.47 -4.66 0.28
CA GLY A 371 -11.50 -5.65 0.72
C GLY A 371 -11.17 -6.36 2.01
N PHE A 372 -9.92 -6.21 2.47
CA PHE A 372 -9.56 -6.81 3.78
C PHE A 372 -10.39 -6.25 4.92
N LYS A 373 -10.96 -5.05 4.69
CA LYS A 373 -11.74 -4.36 5.73
C LYS A 373 -13.20 -4.84 5.82
N TYR A 374 -13.60 -5.77 4.91
CA TYR A 374 -15.00 -6.16 4.81
C TYR A 374 -15.24 -7.67 4.85
N LEU A 375 -14.62 -8.31 5.83
CA LEU A 375 -14.66 -9.75 6.01
C LEU A 375 -16.10 -10.27 6.07
N SER A 376 -17.01 -9.63 6.78
CA SER A 376 -18.27 -10.31 6.82
C SER A 376 -19.11 -10.17 5.52
N LEU A 377 -18.84 -9.15 4.71
CA LEU A 377 -19.43 -9.13 3.37
C LEU A 377 -18.78 -10.15 2.48
N VAL A 378 -17.48 -10.34 2.66
CA VAL A 378 -16.78 -11.39 1.88
C VAL A 378 -17.40 -12.81 2.22
N GLN A 379 -17.67 -13.03 3.50
CA GLN A 379 -18.23 -14.32 3.95
C GLN A 379 -19.61 -14.55 3.34
N ASN A 380 -20.45 -13.52 3.40
CA ASN A 380 -21.77 -13.59 2.77
C ASN A 380 -21.71 -13.87 1.29
N ALA A 381 -20.78 -13.22 0.59
CA ALA A 381 -20.64 -13.42 -0.83
C ALA A 381 -20.18 -14.86 -1.19
N LEU A 382 -19.40 -15.49 -0.33
CA LEU A 382 -18.96 -16.89 -0.53
C LEU A 382 -20.08 -17.91 -0.25
N GLU A 383 -20.92 -17.62 0.74
CA GLU A 383 -22.38 -18.00 0.88
C GLU A 383 -22.76 -18.73 2.14
N ALA B 2 33.35 -6.97 -18.35
CA ALA B 2 32.11 -6.50 -19.06
C ALA B 2 30.89 -7.04 -18.32
N LEU B 3 29.72 -6.50 -18.62
CA LEU B 3 28.47 -6.89 -17.98
C LEU B 3 27.55 -7.66 -18.91
N ALA B 4 26.92 -8.73 -18.44
CA ALA B 4 25.89 -9.38 -19.22
C ALA B 4 24.61 -9.43 -18.36
N ASP B 5 23.46 -9.35 -19.01
CA ASP B 5 22.17 -9.50 -18.34
C ASP B 5 22.06 -10.80 -17.53
N ILE B 6 21.72 -10.72 -16.24
CA ILE B 6 21.71 -11.96 -15.44
C ILE B 6 20.60 -12.86 -15.87
N SER B 7 19.54 -12.35 -16.49
CA SER B 7 18.43 -13.23 -16.95
C SER B 7 18.87 -14.36 -17.91
N GLY B 8 19.93 -14.18 -18.68
CA GLY B 8 20.38 -15.34 -19.49
C GLY B 8 21.11 -16.44 -18.73
N TYR B 9 21.23 -16.30 -17.41
CA TYR B 9 22.04 -17.20 -16.61
C TYR B 9 21.23 -17.85 -15.49
N LEU B 10 19.93 -17.54 -15.46
CA LEU B 10 19.12 -17.94 -14.31
C LEU B 10 18.79 -19.43 -14.22
N ASP B 11 19.17 -20.26 -15.20
CA ASP B 11 19.02 -21.73 -14.97
C ASP B 11 19.80 -22.24 -13.75
N VAL B 12 20.73 -21.41 -13.25
CA VAL B 12 21.45 -21.83 -12.04
C VAL B 12 20.49 -22.04 -10.86
N LEU B 13 19.32 -21.38 -10.86
CA LEU B 13 18.34 -21.48 -9.74
C LEU B 13 17.76 -22.87 -9.65
N ASP B 14 17.69 -23.57 -10.79
CA ASP B 14 17.25 -24.96 -10.83
C ASP B 14 18.37 -25.86 -10.35
N SER B 15 19.62 -25.50 -10.56
CA SER B 15 20.62 -26.54 -10.25
C SER B 15 21.42 -26.34 -8.97
N VAL B 16 21.69 -25.10 -8.54
CA VAL B 16 22.50 -24.91 -7.32
C VAL B 16 21.76 -25.40 -6.08
N ARG B 17 22.46 -26.05 -5.15
CA ARG B 17 21.83 -26.51 -3.97
C ARG B 17 22.79 -26.15 -2.85
N GLY B 18 22.28 -26.23 -1.62
CA GLY B 18 23.13 -25.97 -0.42
C GLY B 18 23.41 -24.48 -0.19
N PHE B 19 24.08 -24.20 0.94
CA PHE B 19 24.40 -22.83 1.36
C PHE B 19 25.83 -22.35 1.05
N SER B 20 26.66 -23.16 0.41
CA SER B 20 28.04 -22.69 0.18
C SER B 20 28.10 -21.45 -0.76
N TYR B 21 27.16 -21.34 -1.71
CA TYR B 21 27.07 -20.12 -2.56
C TYR B 21 27.03 -18.82 -1.74
N LEU B 22 26.48 -18.87 -0.54
CA LEU B 22 26.33 -17.66 0.25
C LEU B 22 27.67 -17.11 0.78
N GLU B 23 28.69 -17.94 0.78
CA GLU B 23 30.03 -17.40 1.02
C GLU B 23 30.36 -16.36 -0.06
N ASN B 24 29.97 -16.63 -1.30
CA ASN B 24 30.25 -15.68 -2.36
C ASN B 24 29.43 -14.38 -2.20
N ALA B 25 28.18 -14.56 -1.78
CA ALA B 25 27.26 -13.45 -1.62
C ALA B 25 27.81 -12.55 -0.48
N ARG B 26 28.23 -13.14 0.64
CA ARG B 26 28.77 -12.32 1.70
C ARG B 26 30.04 -11.54 1.23
N GLU B 27 30.91 -12.22 0.47
CA GLU B 27 32.18 -11.61 0.05
C GLU B 27 31.99 -10.47 -0.98
N VAL B 28 31.07 -10.66 -1.93
CA VAL B 28 30.75 -9.62 -2.92
C VAL B 28 30.16 -8.36 -2.27
N LEU B 29 29.24 -8.58 -1.31
CA LEU B 29 28.62 -7.54 -0.54
C LEU B 29 29.73 -6.84 0.27
N ARG B 30 30.64 -7.60 0.88
CA ARG B 30 31.62 -6.98 1.82
C ARG B 30 32.58 -6.13 1.02
N SER B 31 33.02 -6.66 -0.12
CA SER B 31 34.03 -5.97 -0.88
C SER B 31 33.40 -4.96 -1.84
N GLY B 32 32.09 -5.11 -2.07
CA GLY B 32 31.38 -4.20 -2.96
C GLY B 32 31.67 -4.44 -4.43
N GLU B 33 32.21 -5.62 -4.75
CA GLU B 33 32.59 -5.95 -6.11
C GLU B 33 32.63 -7.43 -6.38
N ALA B 34 32.48 -7.75 -7.65
CA ALA B 34 32.53 -9.12 -8.04
C ALA B 34 33.49 -9.24 -9.26
N ARG B 35 34.29 -10.29 -9.27
N ARG B 35 34.27 -10.30 -9.27
CA ARG B 35 35.28 -10.53 -10.32
CA ARG B 35 35.27 -10.53 -10.31
C ARG B 35 34.67 -11.13 -11.58
C ARG B 35 34.64 -11.11 -11.58
N CYS B 36 35.10 -10.60 -12.71
CA CYS B 36 34.66 -11.11 -13.99
C CYS B 36 34.89 -12.60 -14.08
N LEU B 37 33.87 -13.31 -14.53
CA LEU B 37 33.97 -14.73 -14.69
C LEU B 37 34.32 -15.00 -16.15
N GLY B 38 35.36 -15.81 -16.33
CA GLY B 38 35.84 -16.19 -17.66
C GLY B 38 34.75 -16.94 -18.43
N ASN B 39 34.22 -18.01 -17.87
CA ASN B 39 32.94 -18.54 -18.32
C ASN B 39 32.00 -18.73 -17.14
N PRO B 40 31.01 -17.85 -17.07
CA PRO B 40 30.07 -17.74 -15.94
C PRO B 40 29.35 -19.05 -15.64
N ARG B 41 28.91 -19.77 -16.68
CA ARG B 41 28.16 -21.04 -16.46
C ARG B 41 28.95 -22.15 -15.79
N SER B 42 30.26 -22.04 -15.74
CA SER B 42 31.03 -23.03 -15.04
C SER B 42 31.09 -22.64 -13.56
N GLU B 43 30.54 -21.49 -13.22
CA GLU B 43 30.57 -21.06 -11.81
C GLU B 43 29.16 -20.76 -11.26
N PRO B 44 28.27 -21.77 -11.23
CA PRO B 44 26.84 -21.50 -10.97
C PRO B 44 26.59 -20.91 -9.61
N GLU B 45 27.40 -21.28 -8.65
CA GLU B 45 27.29 -20.76 -7.29
C GLU B 45 27.54 -19.27 -7.24
N TYR B 46 28.51 -18.80 -8.04
CA TYR B 46 28.78 -17.36 -8.14
C TYR B 46 27.64 -16.58 -8.80
N VAL B 47 27.12 -17.07 -9.93
CA VAL B 47 25.95 -16.49 -10.55
C VAL B 47 24.77 -16.42 -9.54
N LYS B 48 24.51 -17.54 -8.85
CA LYS B 48 23.38 -17.50 -7.92
C LYS B 48 23.57 -16.44 -6.84
N ALA B 49 24.79 -16.39 -6.27
CA ALA B 49 25.06 -15.44 -5.22
C ALA B 49 24.72 -14.03 -5.70
N LEU B 50 25.05 -13.68 -6.95
CA LEU B 50 24.81 -12.35 -7.48
C LEU B 50 23.30 -12.11 -7.64
N TYR B 51 22.57 -13.15 -8.10
CA TYR B 51 21.11 -13.03 -8.15
C TYR B 51 20.48 -12.86 -6.76
N VAL B 52 20.85 -13.69 -5.83
CA VAL B 52 20.33 -13.57 -4.47
C VAL B 52 20.61 -12.18 -3.84
N ILE B 53 21.74 -11.54 -4.19
CA ILE B 53 21.95 -10.16 -3.62
C ILE B 53 21.26 -8.98 -4.38
N GLY B 54 20.56 -9.33 -5.49
CA GLY B 54 19.82 -8.37 -6.30
C GLY B 54 20.53 -7.84 -7.57
N ALA B 55 21.58 -8.50 -8.05
CA ALA B 55 22.19 -8.01 -9.25
C ALA B 55 21.24 -8.32 -10.41
N SER B 56 21.24 -7.43 -11.38
CA SER B 56 20.51 -7.64 -12.64
C SER B 56 21.57 -7.98 -13.68
N ARG B 57 22.84 -7.87 -13.29
CA ARG B 57 23.95 -8.12 -14.22
C ARG B 57 25.05 -9.03 -13.65
N ILE B 58 25.71 -9.80 -14.53
CA ILE B 58 26.89 -10.57 -14.14
C ILE B 58 28.21 -10.11 -14.82
N PRO B 59 29.33 -10.14 -14.06
CA PRO B 59 30.60 -9.70 -14.64
C PRO B 59 31.24 -10.82 -15.47
N VAL B 60 31.49 -10.51 -16.74
CA VAL B 60 31.91 -11.51 -17.75
C VAL B 60 33.21 -11.04 -18.37
N GLY B 61 34.17 -11.96 -18.53
CA GLY B 61 35.43 -11.62 -19.22
C GLY B 61 36.72 -11.98 -18.47
N ASP B 62 37.82 -11.30 -18.81
CA ASP B 62 39.12 -11.76 -18.33
C ASP B 62 39.92 -10.79 -17.47
N GLY B 63 39.91 -11.02 -16.16
CA GLY B 63 40.66 -10.17 -15.22
C GLY B 63 40.01 -8.88 -14.74
N CYS B 64 38.86 -8.50 -15.28
CA CYS B 64 38.15 -7.31 -14.83
C CYS B 64 37.30 -7.60 -13.56
N SER B 65 36.65 -6.57 -13.04
CA SER B 65 35.70 -6.71 -11.97
C SER B 65 34.76 -5.54 -11.98
N HIS B 66 33.70 -5.66 -11.21
CA HIS B 66 32.62 -4.65 -11.29
C HIS B 66 31.99 -4.44 -9.93
N THR B 67 31.57 -3.21 -9.72
CA THR B 67 31.01 -2.82 -8.46
C THR B 67 29.54 -3.28 -8.35
N LEU B 68 29.02 -3.32 -7.12
CA LEU B 68 27.57 -3.61 -6.91
C LEU B 68 26.67 -2.70 -7.76
N GLU B 69 27.08 -1.44 -7.88
CA GLU B 69 26.39 -0.47 -8.67
C GLU B 69 26.33 -0.88 -10.15
N GLU B 70 27.48 -1.26 -10.70
CA GLU B 70 27.61 -1.68 -12.09
C GLU B 70 26.82 -2.96 -12.33
N LEU B 71 26.75 -3.82 -11.29
CA LEU B 71 25.93 -5.06 -11.31
C LEU B 71 24.40 -4.86 -11.20
N GLY B 72 23.99 -3.63 -10.94
CA GLY B 72 22.57 -3.31 -10.85
C GLY B 72 21.99 -3.57 -9.46
N VAL B 73 22.86 -3.88 -8.49
CA VAL B 73 22.38 -4.12 -7.09
C VAL B 73 21.55 -2.95 -6.58
N PHE B 74 22.00 -1.73 -6.86
CA PHE B 74 21.20 -0.56 -6.47
C PHE B 74 20.07 -0.14 -7.45
N ASP B 75 19.82 -0.85 -8.54
CA ASP B 75 18.80 -0.37 -9.46
C ASP B 75 17.42 -0.83 -9.10
N ILE B 76 16.95 -0.43 -7.93
CA ILE B 76 15.66 -0.88 -7.46
C ILE B 76 14.96 0.44 -7.13
N SER B 77 13.98 0.72 -7.98
CA SER B 77 13.38 2.03 -8.08
C SER B 77 11.93 1.89 -8.49
N VAL B 78 11.04 2.55 -7.77
CA VAL B 78 9.66 2.49 -8.17
C VAL B 78 9.57 3.33 -9.48
N PRO B 79 8.70 2.94 -10.45
CA PRO B 79 8.56 3.83 -11.59
C PRO B 79 7.86 5.13 -11.18
N GLY B 80 8.35 6.23 -11.74
CA GLY B 80 7.88 7.52 -11.34
C GLY B 80 6.38 7.74 -11.55
N GLU B 81 5.76 7.04 -12.54
CA GLU B 81 4.34 7.20 -12.80
C GLU B 81 3.43 6.08 -12.19
N MET B 82 4.00 5.04 -11.53
CA MET B 82 3.21 3.97 -10.85
C MET B 82 2.20 3.27 -11.76
N VAL B 83 2.63 2.95 -12.97
CA VAL B 83 1.77 2.19 -13.92
C VAL B 83 2.34 0.79 -14.13
N PHE B 84 1.51 -0.22 -13.94
CA PHE B 84 1.99 -1.60 -13.97
C PHE B 84 1.08 -2.38 -14.91
N PRO B 85 1.64 -2.92 -16.04
CA PRO B 85 0.80 -3.67 -17.02
C PRO B 85 0.25 -5.06 -16.61
N SER B 86 0.45 -5.45 -15.33
CA SER B 86 -0.16 -6.67 -14.77
C SER B 86 0.05 -6.73 -13.26
N PRO B 87 -0.73 -7.59 -12.59
CA PRO B 87 -0.54 -7.80 -11.15
C PRO B 87 0.85 -8.27 -10.75
N LEU B 88 1.44 -9.21 -11.49
CA LEU B 88 2.78 -9.71 -11.16
C LEU B 88 3.84 -8.63 -11.42
N ASP B 89 3.67 -7.91 -12.53
CA ASP B 89 4.54 -6.79 -12.79
C ASP B 89 4.43 -5.77 -11.62
N PHE B 90 3.18 -5.54 -11.14
CA PHE B 90 2.97 -4.69 -9.94
C PHE B 90 3.75 -5.23 -8.71
N PHE B 91 3.63 -6.52 -8.45
CA PHE B 91 4.38 -7.10 -7.32
C PHE B 91 5.88 -6.85 -7.48
N GLU B 92 6.35 -7.11 -8.72
N GLU B 92 6.40 -7.09 -8.67
CA GLU B 92 7.76 -7.02 -9.17
CA GLU B 92 7.86 -6.98 -8.85
C GLU B 92 8.33 -5.62 -9.01
C GLU B 92 8.33 -5.52 -8.85
N ARG B 93 7.62 -4.65 -9.57
CA ARG B 93 8.10 -3.28 -9.78
C ARG B 93 7.57 -2.22 -8.80
N GLY B 94 6.52 -2.57 -8.04
CA GLY B 94 5.95 -1.66 -6.99
C GLY B 94 6.76 -1.75 -5.72
N LYS B 95 8.07 -1.56 -5.86
CA LYS B 95 9.05 -1.79 -4.78
C LYS B 95 10.17 -0.75 -5.00
N PRO B 96 10.88 -0.35 -3.95
CA PRO B 96 10.80 -0.90 -2.58
C PRO B 96 9.47 -0.64 -1.86
N THR B 97 9.20 -1.45 -0.85
CA THR B 97 8.16 -1.04 0.07
C THR B 97 8.68 0.20 0.85
N PRO B 98 7.75 1.07 1.32
CA PRO B 98 8.04 2.34 1.90
C PRO B 98 8.90 2.22 3.12
N LEU B 99 9.89 3.10 3.22
CA LEU B 99 10.66 3.20 4.48
C LEU B 99 10.36 4.61 4.99
N VAL B 100 9.66 4.70 6.12
CA VAL B 100 9.16 5.95 6.63
C VAL B 100 9.77 6.29 8.02
N ARG B 101 10.40 7.45 8.18
CA ARG B 101 10.92 7.88 9.53
C ARG B 101 9.76 8.07 10.53
N SER B 102 9.82 7.42 11.67
CA SER B 102 8.81 7.62 12.68
C SER B 102 9.17 8.81 13.60
N ARG B 103 8.17 9.40 14.25
CA ARG B 103 8.37 10.34 15.37
C ARG B 103 8.60 9.78 16.74
N LEU B 104 8.49 8.48 16.91
CA LEU B 104 8.73 7.92 18.21
C LEU B 104 10.13 8.26 18.70
N GLN B 105 10.21 8.68 19.95
CA GLN B 105 11.46 9.07 20.57
C GLN B 105 12.00 7.93 21.41
N LEU B 106 13.12 7.37 21.00
CA LEU B 106 13.70 6.33 21.79
C LEU B 106 14.87 6.90 22.55
N PRO B 107 15.28 6.23 23.62
CA PRO B 107 16.44 6.86 24.28
C PRO B 107 17.73 6.69 23.45
N ASN B 108 18.72 7.52 23.74
CA ASN B 108 20.08 7.23 23.32
C ASN B 108 20.36 7.36 21.83
N GLY B 109 19.64 8.26 21.16
CA GLY B 109 19.96 8.61 19.77
C GLY B 109 19.55 7.49 18.78
N VAL B 110 18.64 6.62 19.22
CA VAL B 110 18.19 5.51 18.40
C VAL B 110 17.04 6.03 17.53
N ARG B 111 17.29 6.23 16.24
CA ARG B 111 16.24 6.81 15.38
C ARG B 111 15.52 5.68 14.65
N VAL B 112 14.19 5.74 14.62
CA VAL B 112 13.33 4.68 14.12
C VAL B 112 12.79 4.96 12.71
N TRP B 113 12.96 3.99 11.82
CA TRP B 113 12.35 4.06 10.52
C TRP B 113 11.49 2.80 10.41
N LEU B 114 10.34 2.93 9.78
CA LEU B 114 9.44 1.80 9.65
C LEU B 114 9.40 1.36 8.21
N LYS B 115 9.71 0.09 7.95
CA LYS B 115 9.57 -0.44 6.56
C LYS B 115 8.25 -1.17 6.48
N LEU B 116 7.34 -0.70 5.61
CA LEU B 116 5.93 -1.13 5.70
C LEU B 116 5.60 -2.23 4.68
N GLU B 117 5.73 -3.49 5.11
CA GLU B 117 5.55 -4.61 4.23
C GLU B 117 4.08 -4.86 3.86
N TRP B 118 3.14 -4.05 4.39
CA TRP B 118 1.76 -4.28 4.03
C TRP B 118 1.52 -3.64 2.65
N TYR B 119 2.56 -2.98 2.15
CA TYR B 119 2.57 -2.48 0.76
C TYR B 119 2.69 -3.57 -0.31
N ASN B 120 2.90 -4.81 0.10
CA ASN B 120 2.80 -5.94 -0.83
C ASN B 120 1.37 -6.09 -1.29
N PRO B 121 1.15 -6.35 -2.59
CA PRO B 121 -0.19 -6.11 -3.09
C PRO B 121 -1.22 -7.17 -2.79
N PHE B 122 -0.84 -8.39 -2.49
CA PHE B 122 -1.85 -9.50 -2.53
C PHE B 122 -2.35 -9.78 -1.11
N SER B 123 -1.42 -10.16 -0.22
CA SER B 123 -1.73 -10.47 1.20
C SER B 123 -1.57 -9.24 2.12
N LEU B 124 -1.20 -8.09 1.57
CA LEU B 124 -0.99 -6.92 2.39
C LEU B 124 -0.08 -7.31 3.53
N SER B 125 0.95 -8.08 3.21
CA SER B 125 1.95 -8.46 4.21
C SER B 125 3.25 -8.82 3.52
N VAL B 126 4.25 -8.94 4.36
CA VAL B 126 5.56 -9.49 4.05
C VAL B 126 5.55 -10.87 3.36
N LYS B 127 4.47 -11.66 3.53
CA LYS B 127 4.42 -12.99 2.92
C LYS B 127 4.40 -13.01 1.37
N ASP B 128 4.13 -11.93 0.69
CA ASP B 128 3.91 -12.00 -0.73
C ASP B 128 5.26 -12.38 -1.34
N ARG B 129 6.36 -11.92 -0.73
CA ARG B 129 7.66 -12.08 -1.34
C ARG B 129 8.06 -13.58 -1.41
N PRO B 130 8.00 -14.34 -0.24
CA PRO B 130 8.29 -15.75 -0.33
C PRO B 130 7.25 -16.46 -1.23
N ALA B 131 6.01 -16.02 -1.24
CA ALA B 131 4.98 -16.78 -1.99
C ALA B 131 5.31 -16.70 -3.46
N VAL B 132 5.60 -15.49 -3.97
CA VAL B 132 6.01 -15.36 -5.39
C VAL B 132 7.32 -16.10 -5.71
N GLU B 133 8.40 -15.98 -4.91
CA GLU B 133 9.67 -16.64 -5.20
C GLU B 133 9.44 -18.17 -5.27
N ILE B 134 8.71 -18.70 -4.26
CA ILE B 134 8.44 -20.11 -4.15
C ILE B 134 7.63 -20.64 -5.35
N ILE B 135 6.56 -19.97 -5.70
CA ILE B 135 5.78 -20.45 -6.81
C ILE B 135 6.53 -20.26 -8.15
N SER B 136 7.12 -19.09 -8.32
CA SER B 136 7.93 -18.81 -9.49
C SER B 136 8.92 -19.94 -9.78
N ARG B 137 9.61 -20.35 -8.74
CA ARG B 137 10.73 -21.28 -8.80
C ARG B 137 10.24 -22.62 -9.28
N LEU B 138 9.00 -22.95 -8.95
CA LEU B 138 8.50 -24.24 -9.22
C LEU B 138 7.62 -24.22 -10.47
N SER B 139 7.42 -23.03 -11.04
CA SER B 139 6.43 -22.84 -12.11
C SER B 139 6.78 -23.45 -13.47
N ARG B 140 8.04 -23.80 -13.73
CA ARG B 140 8.33 -24.34 -15.03
C ARG B 140 8.56 -25.88 -14.90
N ARG B 141 8.71 -26.35 -13.66
CA ARG B 141 8.78 -27.78 -13.39
C ARG B 141 7.52 -28.51 -12.81
N VAL B 142 6.53 -27.80 -12.25
CA VAL B 142 5.32 -28.45 -11.75
C VAL B 142 4.19 -28.12 -12.73
N GLU B 143 3.42 -29.12 -13.17
CA GLU B 143 2.38 -28.92 -14.19
C GLU B 143 1.28 -28.00 -13.63
N LYS B 144 0.79 -27.11 -14.50
CA LYS B 144 -0.31 -26.20 -14.18
C LYS B 144 -1.48 -27.03 -13.76
N GLY B 145 -2.31 -26.49 -12.88
CA GLY B 145 -3.46 -27.24 -12.42
C GLY B 145 -3.15 -28.08 -11.18
N SER B 146 -1.86 -28.30 -10.89
CA SER B 146 -1.44 -29.03 -9.69
C SER B 146 -1.80 -28.25 -8.40
N LEU B 147 -2.10 -29.00 -7.34
CA LEU B 147 -2.45 -28.40 -6.08
C LEU B 147 -1.16 -28.05 -5.28
N VAL B 148 -1.04 -26.79 -4.82
CA VAL B 148 0.05 -26.44 -3.85
C VAL B 148 -0.52 -26.14 -2.44
N ALA B 149 0.26 -26.41 -1.39
CA ALA B 149 -0.29 -26.31 -0.04
C ALA B 149 0.78 -26.04 0.99
N ASP B 150 0.35 -25.51 2.14
CA ASP B 150 1.24 -25.36 3.29
C ASP B 150 0.41 -25.11 4.51
N ALA B 151 1.07 -25.17 5.66
CA ALA B 151 0.55 -24.72 6.95
C ALA B 151 0.93 -23.27 7.12
N THR B 152 0.05 -22.49 7.74
CA THR B 152 0.25 -21.02 7.84
C THR B 152 -0.45 -20.48 9.06
N SER B 153 0.03 -19.33 9.55
CA SER B 153 -0.64 -18.58 10.61
C SER B 153 -1.67 -17.56 10.09
N SER B 154 -1.66 -17.34 8.78
CA SER B 154 -2.68 -16.53 8.14
C SER B 154 -2.11 -15.87 6.89
N ASN B 155 -1.04 -15.09 7.07
CA ASN B 155 -0.55 -14.30 5.93
C ASN B 155 -0.04 -15.14 4.77
N PHE B 156 0.76 -16.18 5.06
CA PHE B 156 1.30 -16.95 4.00
C PHE B 156 0.19 -17.68 3.27
N GLY B 157 -0.87 -18.13 3.96
CA GLY B 157 -1.92 -18.85 3.19
C GLY B 157 -2.64 -17.93 2.21
N VAL B 158 -2.87 -16.68 2.62
CA VAL B 158 -3.43 -15.70 1.70
C VAL B 158 -2.47 -15.40 0.50
N ALA B 159 -1.20 -15.15 0.80
CA ALA B 159 -0.19 -14.82 -0.27
C ALA B 159 -0.13 -15.98 -1.28
N LEU B 160 -0.03 -17.20 -0.71
CA LEU B 160 0.04 -18.42 -1.50
C LEU B 160 -1.20 -18.60 -2.40
N SER B 161 -2.37 -18.30 -1.85
CA SER B 161 -3.64 -18.52 -2.63
C SER B 161 -3.71 -17.55 -3.79
N ALA B 162 -3.23 -16.35 -3.57
CA ALA B 162 -3.21 -15.29 -4.57
C ALA B 162 -2.17 -15.59 -5.65
N VAL B 163 -0.98 -15.92 -5.22
CA VAL B 163 0.08 -16.18 -6.20
C VAL B 163 -0.21 -17.45 -7.03
N ALA B 164 -0.79 -18.46 -6.36
CA ALA B 164 -1.21 -19.70 -7.01
C ALA B 164 -2.06 -19.40 -8.24
N ARG B 165 -2.99 -18.46 -8.08
CA ARG B 165 -3.87 -18.00 -9.15
C ARG B 165 -3.10 -17.30 -10.24
N LEU B 166 -2.07 -16.53 -9.87
CA LEU B 166 -1.34 -15.81 -10.91
C LEU B 166 -0.50 -16.76 -11.72
N TYR B 167 -0.24 -17.96 -11.21
CA TYR B 167 0.65 -18.89 -11.91
C TYR B 167 -0.02 -20.17 -12.42
N GLY B 168 -1.34 -20.31 -12.22
CA GLY B 168 -2.09 -21.46 -12.79
C GLY B 168 -2.12 -22.70 -11.89
N TYR B 169 -2.04 -22.50 -10.58
CA TYR B 169 -2.07 -23.60 -9.64
C TYR B 169 -3.28 -23.46 -8.79
N ARG B 170 -3.71 -24.54 -8.14
CA ARG B 170 -4.77 -24.54 -7.13
C ARG B 170 -4.04 -24.54 -5.81
N ALA B 171 -4.66 -24.03 -4.75
CA ALA B 171 -3.98 -23.88 -3.48
C ALA B 171 -4.84 -24.53 -2.39
N ARG B 172 -4.18 -24.98 -1.32
CA ARG B 172 -4.89 -25.43 -0.14
C ARG B 172 -4.13 -24.93 1.07
N VAL B 173 -4.85 -24.42 2.07
CA VAL B 173 -4.18 -23.81 3.21
C VAL B 173 -4.61 -24.51 4.51
N TYR B 174 -3.66 -24.76 5.42
CA TYR B 174 -3.93 -25.48 6.67
C TYR B 174 -3.61 -24.48 7.77
N LEU B 175 -4.62 -24.15 8.56
CA LEU B 175 -4.41 -23.18 9.62
C LEU B 175 -4.79 -23.78 10.95
N PRO B 176 -4.10 -23.36 12.03
CA PRO B 176 -4.52 -23.73 13.39
C PRO B 176 -5.79 -22.99 13.82
N GLY B 177 -6.54 -23.54 14.78
CA GLY B 177 -7.77 -22.89 15.29
C GLY B 177 -7.55 -21.44 15.75
N ALA B 178 -6.38 -21.16 16.34
CA ALA B 178 -6.05 -19.82 16.82
C ALA B 178 -5.66 -18.84 15.71
N ALA B 179 -5.62 -19.28 14.45
CA ALA B 179 -5.33 -18.34 13.34
C ALA B 179 -6.32 -17.18 13.32
N GLU B 180 -5.90 -16.02 12.82
CA GLU B 180 -6.88 -14.92 12.65
C GLU B 180 -7.94 -15.29 11.62
N GLU B 181 -9.13 -14.72 11.78
CA GLU B 181 -10.22 -14.98 10.90
C GLU B 181 -9.93 -14.62 9.42
N PHE B 182 -9.25 -13.52 9.16
CA PHE B 182 -8.89 -13.16 7.76
C PHE B 182 -8.14 -14.32 7.06
N GLY B 183 -7.39 -15.09 7.86
CA GLY B 183 -6.53 -16.14 7.35
C GLY B 183 -7.36 -17.36 6.96
N LYS B 184 -8.51 -17.51 7.61
CA LYS B 184 -9.41 -18.65 7.41
C LYS B 184 -10.33 -18.34 6.27
N LEU B 185 -10.65 -17.06 6.11
CA LEU B 185 -11.60 -16.67 5.11
C LEU B 185 -11.00 -16.23 3.75
N LEU B 186 -9.96 -15.41 3.77
CA LEU B 186 -9.55 -14.82 2.48
C LEU B 186 -8.97 -15.80 1.46
N PRO B 187 -8.29 -16.88 1.92
CA PRO B 187 -7.90 -17.88 0.93
C PRO B 187 -9.12 -18.41 0.11
N ARG B 188 -10.26 -18.59 0.77
CA ARG B 188 -11.52 -18.97 0.05
C ARG B 188 -11.95 -17.94 -0.97
N LEU B 189 -11.94 -16.68 -0.58
CA LEU B 189 -12.20 -15.64 -1.55
C LEU B 189 -11.29 -15.84 -2.80
N LEU B 190 -10.02 -16.15 -2.53
CA LEU B 190 -8.98 -16.26 -3.58
C LEU B 190 -9.12 -17.58 -4.33
N GLY B 191 -10.06 -18.41 -3.89
CA GLY B 191 -10.30 -19.65 -4.63
C GLY B 191 -9.58 -20.86 -4.08
N ALA B 192 -8.98 -20.75 -2.90
CA ALA B 192 -8.21 -21.86 -2.32
C ALA B 192 -9.13 -22.74 -1.40
N GLN B 193 -8.67 -23.98 -1.10
CA GLN B 193 -9.26 -24.86 -0.11
C GLN B 193 -8.69 -24.47 1.28
N VAL B 194 -9.53 -24.47 2.31
CA VAL B 194 -9.04 -24.08 3.64
C VAL B 194 -9.36 -25.19 4.64
N ILE B 195 -8.35 -25.63 5.36
CA ILE B 195 -8.54 -26.66 6.36
C ILE B 195 -8.13 -26.07 7.72
N VAL B 196 -9.06 -26.03 8.68
CA VAL B 196 -8.70 -25.46 9.99
C VAL B 196 -8.60 -26.57 11.03
N ASP B 197 -7.49 -26.62 11.77
CA ASP B 197 -7.42 -27.61 12.83
C ASP B 197 -7.58 -26.98 14.21
N PRO B 198 -8.81 -27.07 14.78
CA PRO B 198 -9.22 -26.35 15.96
C PRO B 198 -8.34 -26.81 17.10
N GLU B 199 -7.86 -28.05 17.05
CA GLU B 199 -7.09 -28.58 18.19
C GLU B 199 -5.59 -28.30 18.12
N ALA B 200 -5.05 -28.07 16.91
CA ALA B 200 -3.60 -27.74 16.72
C ALA B 200 -3.12 -26.47 17.44
N PRO B 201 -2.11 -26.60 18.29
CA PRO B 201 -1.80 -25.43 19.14
C PRO B 201 -0.94 -24.34 18.46
N SER B 202 -0.13 -24.69 17.46
CA SER B 202 0.64 -23.76 16.65
C SER B 202 0.56 -24.16 15.15
N THR B 203 1.05 -23.27 14.30
CA THR B 203 1.22 -23.55 12.86
C THR B 203 2.16 -24.72 12.60
N VAL B 204 3.38 -24.69 13.17
CA VAL B 204 4.31 -25.80 12.93
C VAL B 204 3.75 -27.20 13.38
N HIS B 205 2.88 -27.22 14.41
N HIS B 205 2.89 -27.23 14.41
CA HIS B 205 2.21 -28.47 14.84
CA HIS B 205 2.25 -28.49 14.86
C HIS B 205 1.61 -29.17 13.64
C HIS B 205 1.42 -29.13 13.72
N LEU B 206 1.17 -28.37 12.66
CA LEU B 206 0.42 -28.90 11.48
C LEU B 206 1.30 -29.52 10.45
N LEU B 207 2.62 -29.26 10.48
CA LEU B 207 3.52 -29.77 9.40
C LEU B 207 3.42 -31.30 9.17
N PRO B 208 3.49 -32.14 10.25
CA PRO B 208 3.43 -33.61 9.92
C PRO B 208 2.17 -33.97 9.16
N ARG B 209 1.06 -33.32 9.45
CA ARG B 209 -0.18 -33.70 8.77
C ARG B 209 -0.19 -33.21 7.30
N VAL B 210 0.40 -32.05 7.05
CA VAL B 210 0.46 -31.53 5.69
C VAL B 210 1.33 -32.48 4.88
N MET B 211 2.43 -32.88 5.50
CA MET B 211 3.35 -33.89 4.97
C MET B 211 2.71 -35.20 4.64
N LYS B 212 2.00 -35.72 5.64
CA LYS B 212 1.21 -36.90 5.43
C LYS B 212 0.20 -36.71 4.28
N ASP B 213 -0.67 -35.70 4.31
CA ASP B 213 -1.64 -35.57 3.21
C ASP B 213 -0.93 -35.40 1.85
N SER B 214 0.23 -34.76 1.86
CA SER B 214 0.94 -34.53 0.59
C SER B 214 1.37 -35.89 0.01
N LYS B 215 1.90 -36.73 0.89
CA LYS B 215 2.19 -38.11 0.49
C LYS B 215 0.99 -38.87 -0.04
N ASN B 216 -0.19 -38.71 0.56
CA ASN B 216 -1.36 -39.44 0.06
C ASN B 216 -1.92 -38.91 -1.23
N GLU B 217 -2.08 -37.58 -1.29
CA GLU B 217 -2.86 -36.95 -2.33
C GLU B 217 -1.99 -36.47 -3.48
N GLY B 218 -0.70 -36.36 -3.26
CA GLY B 218 0.16 -35.94 -4.32
C GLY B 218 0.14 -34.45 -4.61
N PHE B 219 -0.12 -33.62 -3.61
CA PHE B 219 0.03 -32.19 -3.83
C PHE B 219 1.47 -31.75 -3.46
N VAL B 220 1.86 -30.57 -3.94
CA VAL B 220 3.19 -30.08 -3.62
C VAL B 220 3.12 -29.35 -2.28
N HIS B 221 3.82 -29.81 -1.26
CA HIS B 221 3.90 -29.06 -0.01
C HIS B 221 5.06 -28.04 -0.14
N VAL B 222 4.76 -26.73 -0.24
CA VAL B 222 5.84 -25.78 -0.64
C VAL B 222 6.67 -25.45 0.58
N ASN B 223 6.19 -25.87 1.74
CA ASN B 223 6.88 -25.72 3.02
C ASN B 223 7.73 -24.46 3.30
N GLN B 224 7.10 -23.36 3.72
CA GLN B 224 7.76 -22.06 3.93
C GLN B 224 8.82 -22.11 5.04
N PHE B 225 8.67 -23.10 5.93
CA PHE B 225 9.54 -23.32 7.02
C PHE B 225 10.89 -23.86 6.58
N TYR B 226 10.94 -24.48 5.42
CA TYR B 226 12.16 -25.18 5.03
C TYR B 226 12.63 -24.80 3.62
N ASN B 227 11.79 -24.11 2.87
CA ASN B 227 12.07 -23.92 1.46
C ASN B 227 13.06 -22.74 1.32
N ASP B 228 14.24 -22.98 0.79
CA ASP B 228 15.22 -21.87 0.66
C ASP B 228 14.78 -20.66 -0.19
N ALA B 229 13.83 -20.87 -1.10
CA ALA B 229 13.27 -19.75 -1.86
C ALA B 229 12.61 -18.67 -0.95
N ASN B 230 12.17 -19.05 0.25
CA ASN B 230 11.70 -18.08 1.26
C ASN B 230 12.85 -17.13 1.69
N PHE B 231 13.93 -17.68 2.23
CA PHE B 231 15.11 -16.87 2.53
C PHE B 231 15.66 -16.10 1.31
N GLU B 232 15.73 -16.74 0.15
CA GLU B 232 16.24 -16.05 -1.05
C GLU B 232 15.38 -14.89 -1.50
N ALA B 233 14.06 -15.03 -1.31
CA ALA B 233 13.14 -13.94 -1.67
C ALA B 233 13.45 -12.68 -0.82
N HIS B 234 13.75 -12.89 0.47
CA HIS B 234 14.02 -11.79 1.37
C HIS B 234 15.39 -11.19 1.17
N MET B 235 16.34 -12.02 0.72
CA MET B 235 17.68 -11.53 0.34
C MET B 235 17.56 -10.57 -0.82
N ARG B 236 16.89 -10.97 -1.92
CA ARG B 236 16.83 -10.09 -3.06
C ARG B 236 15.77 -9.00 -2.98
N GLY B 237 14.78 -9.18 -2.11
CA GLY B 237 13.80 -8.13 -1.91
C GLY B 237 14.00 -7.34 -0.65
N THR B 238 13.29 -7.74 0.42
CA THR B 238 13.39 -7.02 1.68
C THR B 238 14.82 -6.53 2.05
N ALA B 239 15.80 -7.42 2.05
CA ALA B 239 17.08 -7.10 2.66
C ALA B 239 17.90 -6.17 1.75
N ARG B 240 17.91 -6.51 0.46
CA ARG B 240 18.52 -5.64 -0.56
C ARG B 240 17.84 -4.27 -0.48
N GLU B 241 16.51 -4.22 -0.27
CA GLU B 241 15.87 -2.88 -0.19
C GLU B 241 16.35 -2.12 1.04
N ILE B 242 16.42 -2.77 2.18
CA ILE B 242 16.91 -2.06 3.37
C ILE B 242 18.28 -1.45 3.07
N PHE B 243 19.16 -2.25 2.50
CA PHE B 243 20.52 -1.76 2.12
C PHE B 243 20.48 -0.57 1.14
N VAL B 244 19.79 -0.73 0.01
CA VAL B 244 19.73 0.32 -1.00
C VAL B 244 18.97 1.54 -0.46
N GLN B 245 17.90 1.28 0.31
CA GLN B 245 17.13 2.39 0.84
C GLN B 245 18.03 3.20 1.86
N SER B 246 18.81 2.50 2.67
CA SER B 246 19.68 3.13 3.67
C SER B 246 20.73 3.97 2.94
N ARG B 247 21.37 3.40 1.91
N ARG B 247 21.37 3.40 1.91
CA ARG B 247 22.38 4.14 1.16
CA ARG B 247 22.37 4.13 1.12
C ARG B 247 21.80 5.41 0.50
C ARG B 247 21.79 5.41 0.51
N ARG B 248 20.85 5.25 -0.44
CA ARG B 248 20.28 6.36 -1.18
C ARG B 248 19.48 7.29 -0.29
N GLY B 249 18.88 6.75 0.77
CA GLY B 249 18.09 7.58 1.64
C GLY B 249 18.96 8.40 2.58
N GLY B 250 20.27 8.19 2.59
CA GLY B 250 21.16 8.87 3.58
C GLY B 250 21.06 8.45 5.05
N LEU B 251 20.51 7.26 5.36
CA LEU B 251 20.55 6.74 6.73
C LEU B 251 22.00 6.39 7.12
N ALA B 252 22.31 6.56 8.40
CA ALA B 252 23.49 6.01 9.04
C ALA B 252 22.94 4.72 9.66
N LEU B 253 22.88 3.66 8.85
CA LEU B 253 22.18 2.46 9.26
C LEU B 253 22.99 1.65 10.30
N ARG B 254 22.47 1.50 11.52
CA ARG B 254 23.24 0.81 12.56
C ARG B 254 22.59 -0.51 13.03
N GLY B 255 21.34 -0.75 12.64
CA GLY B 255 20.70 -2.01 12.99
C GLY B 255 19.35 -2.17 12.33
N VAL B 256 18.87 -3.41 12.31
CA VAL B 256 17.46 -3.69 11.90
C VAL B 256 16.79 -4.38 13.07
N ALA B 257 15.47 -4.29 13.20
CA ALA B 257 14.74 -4.98 14.28
C ALA B 257 13.59 -5.68 13.59
N GLY B 258 13.24 -6.91 14.02
CA GLY B 258 12.13 -7.59 13.43
C GLY B 258 11.71 -8.77 14.25
N SER B 259 10.73 -9.47 13.71
CA SER B 259 10.20 -10.63 14.39
C SER B 259 10.45 -11.94 13.58
N LEU B 260 10.06 -13.06 14.17
CA LEU B 260 10.42 -14.40 13.69
C LEU B 260 9.23 -15.30 13.62
N GLY B 261 8.94 -15.75 12.40
CA GLY B 261 7.96 -16.82 12.14
C GLY B 261 8.71 -18.03 11.59
N THR B 262 8.92 -18.04 10.27
CA THR B 262 9.84 -18.97 9.62
C THR B 262 11.29 -18.55 9.84
N SER B 263 11.45 -17.28 10.19
CA SER B 263 12.75 -16.57 10.30
C SER B 263 13.29 -16.17 8.94
N GLY B 264 12.57 -16.44 7.87
CA GLY B 264 12.99 -15.91 6.55
C GLY B 264 13.46 -14.48 6.42
N HIS B 265 12.62 -13.50 6.80
CA HIS B 265 12.94 -12.14 6.46
C HIS B 265 14.02 -11.55 7.35
N MET B 266 13.99 -11.86 8.64
CA MET B 266 15.01 -11.30 9.54
C MET B 266 16.39 -11.97 9.40
N SER B 267 16.44 -13.26 9.02
CA SER B 267 17.71 -13.94 8.75
C SER B 267 18.38 -13.31 7.51
N ALA B 268 17.56 -13.05 6.47
CA ALA B 268 18.06 -12.36 5.28
C ALA B 268 18.51 -10.94 5.60
N ALA B 269 17.74 -10.19 6.38
CA ALA B 269 18.18 -8.80 6.62
C ALA B 269 19.51 -8.83 7.32
N ALA B 270 19.57 -9.66 8.34
CA ALA B 270 20.78 -9.76 9.17
C ALA B 270 21.96 -10.26 8.34
N PHE B 271 21.74 -11.32 7.55
CA PHE B 271 22.83 -11.94 6.79
C PHE B 271 23.37 -10.95 5.76
N TYR B 272 22.46 -10.23 5.09
CA TYR B 272 22.80 -9.34 3.94
C TYR B 272 23.57 -8.15 4.55
N LEU B 273 22.96 -7.50 5.51
CA LEU B 273 23.58 -6.25 6.01
C LEU B 273 24.82 -6.48 6.84
N GLN B 274 24.86 -7.59 7.58
CA GLN B 274 26.11 -7.99 8.28
C GLN B 274 27.28 -8.33 7.35
N SER B 275 26.99 -8.73 6.12
CA SER B 275 28.05 -8.94 5.08
C SER B 275 28.67 -7.60 4.69
N VAL B 276 27.82 -6.60 4.54
CA VAL B 276 28.30 -5.28 4.20
C VAL B 276 29.07 -4.69 5.40
N ASP B 277 28.47 -4.79 6.59
CA ASP B 277 29.05 -4.20 7.78
C ASP B 277 28.65 -5.02 9.02
N PRO B 278 29.60 -5.87 9.54
CA PRO B 278 29.22 -6.83 10.58
C PRO B 278 28.86 -6.19 11.91
N SER B 279 29.05 -4.87 12.02
CA SER B 279 28.63 -4.20 13.26
C SER B 279 27.13 -3.80 13.21
N ILE B 280 26.46 -3.97 12.07
CA ILE B 280 25.03 -3.70 12.00
C ILE B 280 24.26 -4.72 12.90
N ARG B 281 23.42 -4.23 13.80
N ARG B 281 23.42 -4.23 13.82
CA ARG B 281 22.71 -5.10 14.73
CA ARG B 281 22.73 -5.09 14.78
C ARG B 281 21.45 -5.69 14.13
C ARG B 281 21.42 -5.64 14.21
N ALA B 282 21.04 -6.81 14.69
CA ALA B 282 19.73 -7.42 14.37
C ALA B 282 19.01 -7.64 15.68
N VAL B 283 18.05 -6.78 15.97
CA VAL B 283 17.35 -6.85 17.21
C VAL B 283 16.09 -7.65 16.93
N LEU B 284 15.96 -8.79 17.60
CA LEU B 284 14.85 -9.69 17.23
C LEU B 284 13.94 -9.90 18.41
N VAL B 285 12.67 -10.13 18.09
CA VAL B 285 11.62 -10.27 19.05
C VAL B 285 11.43 -11.72 19.43
N GLN B 286 11.44 -11.91 20.76
CA GLN B 286 11.05 -13.16 21.44
C GLN B 286 9.68 -12.96 22.09
N PRO B 287 8.59 -13.46 21.50
CA PRO B 287 7.31 -13.39 22.20
C PRO B 287 7.41 -14.04 23.62
N ALA B 288 6.98 -13.34 24.68
CA ALA B 288 7.23 -13.80 26.10
C ALA B 288 6.58 -15.17 26.27
N GLN B 289 7.23 -16.10 26.98
N GLN B 289 7.21 -16.03 27.09
CA GLN B 289 6.69 -17.47 27.13
CA GLN B 289 6.61 -17.32 27.51
C GLN B 289 5.27 -17.46 27.70
C GLN B 289 5.09 -17.24 27.64
N GLY B 290 4.36 -18.17 27.01
CA GLY B 290 2.91 -18.20 27.24
C GLY B 290 2.04 -17.18 26.48
N ASP B 291 2.70 -16.31 25.70
CA ASP B 291 1.99 -15.30 24.93
C ASP B 291 1.89 -15.70 23.50
N SER B 292 0.85 -15.20 22.86
CA SER B 292 0.60 -15.39 21.43
C SER B 292 0.58 -14.06 20.67
N ILE B 293 1.63 -13.79 19.93
CA ILE B 293 1.68 -12.64 19.05
C ILE B 293 1.42 -13.22 17.62
N PRO B 294 0.31 -12.84 17.03
CA PRO B 294 -0.02 -13.37 15.70
C PRO B 294 1.19 -13.39 14.69
N GLY B 295 1.40 -14.56 14.05
CA GLY B 295 2.42 -14.76 12.98
C GLY B 295 3.87 -15.02 13.44
N ILE B 296 4.12 -14.80 14.73
CA ILE B 296 5.46 -14.98 15.24
C ILE B 296 5.60 -16.04 16.39
N ARG B 297 6.84 -16.35 16.73
CA ARG B 297 7.18 -17.62 17.38
C ARG B 297 8.46 -17.39 18.15
N ARG B 298 8.68 -18.20 19.20
CA ARG B 298 10.00 -18.22 19.87
C ARG B 298 11.07 -18.98 19.07
N VAL B 299 12.33 -18.50 19.08
CA VAL B 299 13.45 -19.22 18.43
C VAL B 299 13.50 -20.71 18.83
N GLU B 300 13.43 -20.97 20.14
CA GLU B 300 13.38 -22.36 20.64
C GLU B 300 12.51 -23.30 19.77
N THR B 301 11.33 -22.87 19.34
CA THR B 301 10.39 -23.82 18.70
C THR B 301 10.83 -24.35 17.34
N GLY B 302 11.96 -23.86 16.80
CA GLY B 302 12.54 -24.48 15.58
C GLY B 302 12.53 -23.66 14.27
N MET B 303 13.71 -23.20 13.85
CA MET B 303 13.86 -22.26 12.73
C MET B 303 15.11 -22.53 11.89
N LEU B 304 14.96 -22.57 10.58
CA LEU B 304 16.04 -22.95 9.70
C LEU B 304 17.15 -21.89 9.64
N TRP B 305 16.88 -20.80 8.94
CA TRP B 305 18.00 -19.95 8.47
C TRP B 305 18.69 -19.25 9.62
N ILE B 306 17.90 -18.84 10.62
CA ILE B 306 18.49 -18.13 11.76
C ILE B 306 19.50 -18.99 12.53
N ASN B 307 19.30 -20.30 12.55
CA ASN B 307 20.17 -21.26 13.23
C ASN B 307 21.36 -21.71 12.36
N MET B 308 21.12 -21.86 11.05
CA MET B 308 22.15 -22.39 10.19
C MET B 308 23.16 -21.39 9.70
N LEU B 309 22.80 -20.13 9.60
CA LEU B 309 23.61 -19.07 8.95
C LEU B 309 24.53 -18.29 9.90
N ASP B 310 25.67 -17.82 9.40
CA ASP B 310 26.64 -17.09 10.23
C ASP B 310 26.12 -15.66 10.40
N ILE B 311 25.30 -15.44 11.45
CA ILE B 311 24.50 -14.23 11.68
C ILE B 311 24.60 -13.80 13.17
N SER B 312 24.83 -12.51 13.51
CA SER B 312 24.71 -12.06 14.94
C SER B 312 23.33 -11.50 15.17
N TYR B 313 22.79 -11.74 16.36
CA TYR B 313 21.52 -11.12 16.71
C TYR B 313 21.40 -11.06 18.21
N THR B 314 20.61 -10.12 18.73
CA THR B 314 20.19 -10.14 20.13
C THR B 314 18.70 -10.41 20.08
N LEU B 315 18.22 -11.16 21.05
CA LEU B 315 16.82 -11.35 21.33
C LEU B 315 16.35 -10.35 22.38
N ALA B 316 15.10 -9.90 22.29
CA ALA B 316 14.48 -9.19 23.39
C ALA B 316 13.14 -9.85 23.60
N GLU B 317 12.77 -10.03 24.85
CA GLU B 317 11.49 -10.70 25.19
C GLU B 317 10.42 -9.64 25.17
N VAL B 318 9.27 -9.96 24.57
CA VAL B 318 8.19 -8.99 24.47
C VAL B 318 6.85 -9.66 24.74
N THR B 319 6.02 -9.08 25.60
CA THR B 319 4.65 -9.64 25.79
C THR B 319 3.68 -9.12 24.75
N LEU B 320 2.61 -9.85 24.49
CA LEU B 320 1.53 -9.35 23.64
C LEU B 320 1.13 -7.91 24.05
N GLU B 321 0.91 -7.72 25.36
CA GLU B 321 0.45 -6.45 25.85
C GLU B 321 1.49 -5.34 25.57
N GLU B 322 2.77 -5.63 25.71
CA GLU B 322 3.78 -4.65 25.33
C GLU B 322 3.80 -4.35 23.78
N ALA B 323 3.61 -5.41 22.99
CA ALA B 323 3.65 -5.28 21.51
C ALA B 323 2.50 -4.36 21.11
N MET B 324 1.37 -4.57 21.76
CA MET B 324 0.17 -3.76 21.57
C MET B 324 0.27 -2.30 22.07
N GLU B 325 0.92 -2.02 23.21
CA GLU B 325 1.21 -0.62 23.57
C GLU B 325 2.07 0.09 22.51
N ALA B 326 3.04 -0.61 21.96
CA ALA B 326 3.82 -0.04 20.82
C ALA B 326 2.88 0.22 19.58
N VAL B 327 1.93 -0.68 19.25
CA VAL B 327 0.92 -0.34 18.23
C VAL B 327 0.20 1.01 18.55
N VAL B 328 -0.20 1.20 19.80
CA VAL B 328 -0.86 2.43 20.19
C VAL B 328 0.05 3.64 20.04
N GLU B 329 1.21 3.54 20.61
CA GLU B 329 2.15 4.65 20.54
C GLU B 329 2.43 5.05 19.09
N VAL B 330 2.76 4.08 18.25
CA VAL B 330 2.98 4.41 16.81
C VAL B 330 1.75 5.08 16.14
N ALA B 331 0.56 4.51 16.36
CA ALA B 331 -0.69 5.11 15.87
C ALA B 331 -0.85 6.55 16.35
N ARG B 332 -0.54 6.82 17.63
CA ARG B 332 -0.65 8.22 18.22
C ARG B 332 0.49 9.15 17.92
N SER B 333 1.66 8.63 17.64
CA SER B 333 2.73 9.50 17.23
C SER B 333 2.83 9.69 15.72
N ASP B 334 2.46 8.69 14.93
CA ASP B 334 2.74 8.71 13.51
C ASP B 334 1.48 8.67 12.62
N GLY B 335 0.34 8.20 13.15
CA GLY B 335 -0.85 8.08 12.30
C GLY B 335 -0.88 6.82 11.46
N LEU B 336 0.03 5.89 11.72
CA LEU B 336 0.14 4.60 11.03
C LEU B 336 -0.30 3.53 11.98
N VAL B 337 -1.10 2.62 11.46
CA VAL B 337 -1.58 1.46 12.22
C VAL B 337 -0.79 0.18 11.86
N ILE B 338 0.19 -0.19 12.68
CA ILE B 338 1.08 -1.35 12.42
C ILE B 338 0.47 -2.59 13.09
N GLY B 339 0.83 -3.80 12.60
CA GLY B 339 0.30 -5.04 13.16
C GLY B 339 0.98 -5.42 14.47
N PRO B 340 0.41 -6.41 15.23
CA PRO B 340 1.02 -6.84 16.49
C PRO B 340 2.51 -7.16 16.36
N SER B 341 2.91 -7.94 15.34
CA SER B 341 4.36 -8.28 15.19
C SER B 341 5.26 -7.08 14.92
N GLY B 342 4.74 -6.11 14.17
CA GLY B 342 5.49 -4.83 13.95
C GLY B 342 5.61 -4.06 15.27
N GLY B 343 4.53 -4.13 16.08
CA GLY B 343 4.46 -3.54 17.41
C GLY B 343 5.53 -4.22 18.29
N ALA B 344 5.57 -5.55 18.24
CA ALA B 344 6.54 -6.29 19.04
C ALA B 344 7.98 -5.86 18.64
N ALA B 345 8.20 -5.67 17.35
CA ALA B 345 9.59 -5.29 16.94
C ALA B 345 9.97 -3.90 17.38
N VAL B 346 9.02 -2.96 17.27
CA VAL B 346 9.27 -1.61 17.70
C VAL B 346 9.62 -1.63 19.22
N LYS B 347 8.84 -2.42 20.01
CA LYS B 347 9.13 -2.59 21.43
C LYS B 347 10.52 -3.19 21.71
N ALA B 348 10.85 -4.25 20.97
CA ALA B 348 12.18 -4.85 21.06
C ALA B 348 13.30 -3.84 20.88
N LEU B 349 13.15 -2.99 19.86
CA LEU B 349 14.19 -1.97 19.58
C LEU B 349 14.31 -0.97 20.79
N ALA B 350 13.17 -0.63 21.39
CA ALA B 350 13.05 0.33 22.49
C ALA B 350 13.68 -0.25 23.73
N LYS B 351 13.44 -1.53 23.97
CA LYS B 351 14.11 -2.21 25.07
C LYS B 351 15.66 -2.15 24.96
N LYS B 352 16.19 -2.61 23.83
CA LYS B 352 17.61 -2.45 23.55
C LYS B 352 18.14 -1.03 23.62
N ALA B 353 17.37 -0.10 23.06
CA ALA B 353 17.79 1.31 23.03
C ALA B 353 17.99 1.80 24.51
N ALA B 354 17.02 1.48 25.37
CA ALA B 354 17.03 1.89 26.78
C ALA B 354 18.17 1.26 27.55
N GLU B 355 18.62 0.10 27.11
CA GLU B 355 19.71 -0.62 27.75
C GLU B 355 21.08 -0.03 27.48
N GLY B 356 21.25 0.72 26.40
CA GLY B 356 22.57 1.30 26.06
C GLY B 356 23.31 0.32 25.17
N ASP B 357 22.57 -0.65 24.64
CA ASP B 357 23.24 -1.62 23.81
C ASP B 357 23.62 -1.11 22.40
N LEU B 358 23.01 -0.02 21.95
CA LEU B 358 23.02 0.29 20.52
C LEU B 358 23.75 1.57 20.18
N GLU B 359 24.54 1.58 19.11
CA GLU B 359 25.18 2.82 18.58
C GLU B 359 24.09 3.82 18.18
N PRO B 360 24.27 5.11 18.48
CA PRO B 360 23.18 5.97 17.99
C PRO B 360 23.18 6.02 16.44
N GLY B 361 22.00 6.22 15.84
CA GLY B 361 21.92 6.27 14.38
C GLY B 361 20.57 5.73 13.93
N ASP B 362 20.48 5.30 12.68
CA ASP B 362 19.17 4.93 12.08
C ASP B 362 18.95 3.42 12.16
N TYR B 363 17.75 3.00 12.58
CA TYR B 363 17.41 1.62 12.80
C TYR B 363 16.14 1.34 12.00
N VAL B 364 16.15 0.27 11.23
CA VAL B 364 15.00 -0.02 10.41
C VAL B 364 14.24 -1.10 11.09
N VAL B 365 12.96 -0.85 11.39
CA VAL B 365 12.05 -1.89 11.91
C VAL B 365 11.20 -2.41 10.73
N VAL B 366 11.28 -3.74 10.48
CA VAL B 366 10.42 -4.31 9.44
C VAL B 366 9.02 -4.59 10.06
N VAL B 367 8.03 -3.90 9.51
CA VAL B 367 6.64 -4.02 9.93
C VAL B 367 6.01 -5.03 8.96
N PRO B 368 5.68 -6.25 9.45
CA PRO B 368 5.21 -7.28 8.52
C PRO B 368 3.81 -7.05 7.94
N ASP B 369 2.97 -6.31 8.64
N ASP B 369 2.97 -6.29 8.66
CA ASP B 369 1.65 -6.04 8.09
CA ASP B 369 1.53 -6.29 8.43
C ASP B 369 0.90 -4.93 8.81
C ASP B 369 0.88 -4.98 8.89
N THR B 370 -0.32 -4.69 8.36
CA THR B 370 -1.12 -3.60 8.83
C THR B 370 -1.98 -4.03 10.02
N GLY B 371 -2.09 -3.15 11.00
CA GLY B 371 -2.95 -3.34 12.14
C GLY B 371 -4.44 -3.30 11.85
N PHE B 372 -4.81 -2.86 10.64
CA PHE B 372 -6.19 -2.92 10.20
C PHE B 372 -6.71 -4.37 10.22
N LYS B 373 -5.84 -5.36 10.14
CA LYS B 373 -6.32 -6.75 10.05
C LYS B 373 -6.44 -7.39 11.46
N TYR B 374 -6.25 -6.61 12.52
CA TYR B 374 -6.21 -7.13 13.91
C TYR B 374 -7.15 -6.34 14.85
N LEU B 375 -8.35 -6.11 14.38
CA LEU B 375 -9.32 -5.26 15.09
C LEU B 375 -9.55 -5.75 16.55
N SER B 376 -9.68 -7.06 16.76
CA SER B 376 -9.99 -7.46 18.15
C SER B 376 -8.83 -7.27 19.11
N LEU B 377 -7.58 -7.38 18.61
CA LEU B 377 -6.45 -7.06 19.50
C LEU B 377 -6.35 -5.59 19.75
N VAL B 378 -6.81 -4.80 18.80
CA VAL B 378 -6.75 -3.35 18.97
C VAL B 378 -7.76 -2.96 20.05
N GLN B 379 -8.96 -3.50 19.89
CA GLN B 379 -10.01 -3.36 20.91
C GLN B 379 -9.48 -3.67 22.34
N ASN B 380 -8.98 -4.89 22.59
CA ASN B 380 -8.35 -5.13 23.92
C ASN B 380 -7.25 -4.15 24.32
N ALA B 381 -6.47 -3.65 23.35
CA ALA B 381 -5.34 -2.73 23.63
C ALA B 381 -5.73 -1.32 24.08
N LEU B 382 -6.94 -0.90 23.75
CA LEU B 382 -7.37 0.45 24.11
C LEU B 382 -7.51 0.68 25.65
N GLU B 383 -8.01 -0.35 26.35
CA GLU B 383 -8.03 -0.46 27.84
C GLU B 383 -6.79 0.05 28.63
N GLY B 384 -5.60 -0.23 28.12
CA GLY B 384 -4.32 0.09 28.78
C GLY B 384 -4.38 1.16 29.85
N1 PLP C . -16.00 3.88 -1.31
C2 PLP C . -15.51 4.03 -0.03
C2A PLP C . -15.08 2.83 0.79
C3 PLP C . -15.35 5.29 0.51
O3 PLP C . -14.89 5.42 1.81
C4 PLP C . -15.70 6.41 -0.26
C4A PLP C . -15.63 7.80 0.29
C5 PLP C . -16.19 6.27 -1.55
C6 PLP C . -16.31 4.97 -2.03
C5A PLP C . -16.63 7.45 -2.43
O4P PLP C . -15.66 8.64 -2.59
P PLP C . -16.58 9.91 -2.55
O1P PLP C . -15.33 10.68 -3.00
O2P PLP C . -17.42 10.29 -3.87
O3P PLP C . -16.61 10.70 -1.18
C1 MPD D . 2.64 4.40 -2.16
C2 MPD D . 2.75 4.55 -3.69
O2 MPD D . 1.58 5.30 -4.19
CM MPD D . 4.00 5.36 -4.05
C3 MPD D . 2.73 3.25 -4.50
C4 MPD D . 3.84 2.19 -4.19
O4 MPD D . 3.81 1.74 -2.85
C5 MPD D . 3.66 0.95 -5.06
N1 PLP E . 4.58 -11.22 11.36
C2 PLP E . 3.57 -11.63 10.54
C2A PLP E . 2.19 -10.93 10.68
C3 PLP E . 3.79 -12.60 9.58
O3 PLP E . 2.76 -13.05 8.73
C4 PLP E . 5.05 -13.17 9.49
C4A PLP E . 5.36 -14.25 8.50
C5 PLP E . 6.07 -12.78 10.35
C6 PLP E . 5.80 -11.79 11.29
C5A PLP E . 7.43 -13.40 10.33
O4P PLP E . 8.10 -13.42 9.02
P PLP E . 8.94 -14.76 8.94
O1P PLP E . 9.78 -14.25 7.82
O2P PLP E . 10.21 -14.94 9.87
O3P PLP E . 8.66 -15.85 8.30
#